data_4H1L
#
_entry.id   4H1L
#
_cell.length_a   186.722
_cell.length_b   186.722
_cell.length_c   166.702
_cell.angle_alpha   90.00
_cell.angle_beta   90.00
_cell.angle_gamma   120.00
#
_symmetry.space_group_name_H-M   'P 63'
#
loop_
_entity.id
_entity.type
_entity.pdbx_description
1 polymer 'HLA class II histocompatibility antigen, DR alpha chain'
2 polymer 'MHC class II antigen'
3 polymer 'mimotope peptide'
4 polymer 'Ani2.3 TCR A chain'
5 polymer 'Ani2.3 TCR B chain'
#
loop_
_entity_poly.entity_id
_entity_poly.type
_entity_poly.pdbx_seq_one_letter_code
_entity_poly.pdbx_strand_id
1 'polypeptide(L)'
;EEHVIIQAEFYLNPDQSGEFMFDFDGDEIFHVDMAKKETVWRLEEFGRFASFEAQGALANIAVDKANLEIMTKRSNYTPI
TNVPPEVTVLTNSPVELREPNVLICFIDKFTPPVVNVTWLRNGKPVTTGVSETVFLPREDHLFRKFHYLPFLPSTEDVYD
CRVEHWGLDEPLLKHWEF
;
A,D
2 'polypeptide(L)'
;RPRFLELLKSECHFFNGTERVRFLERYFHNQEEFVRFDSDVGEYRAVTELGRPVAESWNSQKDLLEQKRGQVDNYCRHNY
GVVESFTVQRRVHPQVTVYPAKTQPLQHHNLLVCSVSGFYPGSIEVRWFRNGQEEKTGVVSTGLIHNGDWTFQTLVMLET
VPRSGEVYTCQVEHPSVTSPLTVEWRA
;
B,E
3 'polypeptide(L)' QHIRCNIPKRISA C,F
4 'polypeptide(L)'
;QSVTQPDIHITVSEGASLELRCNYSYGATPYLFWYVQSPGQGLQLLLKYFSGDTLVQGIKGFEAEFKRSQSSFNLRKPSV
HWSDAAEYFCAVGASGNTGKLIFGQGTTLQVKP
;
G,I
5 'polypeptide(L)'
;GITQSPKYLFRKEGQNVTLSCEQNLNHDAMYWYRQDPGQGLRLIYYSQIVNDFQKGDIAEGYSVSREKKESFPLTVTSAQ
KNPTAFYLCASSLRDGYTGELFFGEGSRLTV
;
H,J
#
# COMPACT_ATOMS: atom_id res chain seq x y z
N GLU A 1 17.45 7.53 -11.91
CA GLU A 1 17.63 6.10 -12.11
C GLU A 1 17.64 5.70 -13.59
N GLU A 2 18.05 4.47 -13.87
CA GLU A 2 18.15 3.97 -15.25
C GLU A 2 17.45 2.63 -15.53
N HIS A 3 17.93 1.53 -14.93
CA HIS A 3 17.28 0.24 -15.17
C HIS A 3 16.91 -0.52 -13.89
N VAL A 4 15.80 -1.26 -13.95
CA VAL A 4 15.36 -2.06 -12.80
C VAL A 4 15.01 -3.51 -13.17
N ILE A 5 15.81 -4.45 -12.67
CA ILE A 5 15.57 -5.89 -12.86
C ILE A 5 15.01 -6.53 -11.57
N ILE A 6 13.83 -7.10 -11.69
CA ILE A 6 13.18 -7.67 -10.53
C ILE A 6 12.85 -9.12 -10.74
N GLN A 7 13.14 -9.92 -9.73
CA GLN A 7 12.84 -11.34 -9.74
C GLN A 7 11.71 -11.53 -8.78
N ALA A 8 10.51 -11.63 -9.34
CA ALA A 8 9.28 -11.67 -8.57
C ALA A 8 8.68 -13.04 -8.61
N GLU A 9 8.53 -13.65 -7.45
CA GLU A 9 7.92 -14.96 -7.33
C GLU A 9 6.82 -14.99 -6.25
N PHE A 10 6.05 -16.06 -6.16
CA PHE A 10 4.99 -16.14 -5.16
C PHE A 10 4.36 -17.50 -5.07
N TYR A 11 3.74 -17.79 -3.93
CA TYR A 11 2.98 -19.02 -3.77
C TYR A 11 1.65 -18.78 -3.07
N LEU A 12 0.58 -19.11 -3.78
CA LEU A 12 -0.78 -18.86 -3.33
C LEU A 12 -1.44 -20.14 -2.82
N ASN A 13 -1.87 -20.13 -1.56
CA ASN A 13 -2.72 -21.17 -1.03
C ASN A 13 -4.17 -20.69 -1.11
N PRO A 14 -5.13 -21.61 -1.10
CA PRO A 14 -4.96 -23.07 -1.09
C PRO A 14 -4.89 -23.65 -2.52
N ASP A 15 -4.80 -22.79 -3.52
CA ASP A 15 -4.75 -23.19 -4.92
C ASP A 15 -3.47 -23.97 -5.21
N GLN A 16 -2.44 -23.65 -4.45
CA GLN A 16 -1.15 -24.32 -4.54
C GLN A 16 -0.53 -24.13 -5.88
N SER A 17 -0.63 -22.91 -6.38
CA SER A 17 0.00 -22.57 -7.65
C SER A 17 1.12 -21.56 -7.40
N GLY A 18 2.27 -21.78 -8.02
CA GLY A 18 3.39 -20.86 -7.93
C GLY A 18 3.77 -20.22 -9.26
N GLU A 19 4.57 -19.16 -9.19
CA GLU A 19 5.13 -18.53 -10.38
C GLU A 19 6.49 -17.92 -10.06
N PHE A 20 7.42 -18.02 -11.01
CA PHE A 20 8.74 -17.40 -10.90
C PHE A 20 8.97 -16.66 -12.21
N MET A 21 9.46 -15.43 -12.13
CA MET A 21 9.74 -14.62 -13.32
C MET A 21 10.74 -13.45 -13.17
N PHE A 22 11.31 -13.04 -14.28
CA PHE A 22 12.25 -11.93 -14.28
C PHE A 22 11.65 -10.76 -15.04
N ASP A 23 11.68 -9.59 -14.41
CA ASP A 23 11.13 -8.37 -15.01
C ASP A 23 12.20 -7.34 -15.29
N PHE A 24 12.30 -6.98 -16.57
CA PHE A 24 13.18 -5.92 -17.01
C PHE A 24 12.38 -4.69 -17.48
N ASP A 25 12.39 -3.63 -16.66
CA ASP A 25 11.77 -2.35 -17.02
C ASP A 25 10.33 -2.52 -17.48
N GLY A 26 9.64 -3.45 -16.85
CA GLY A 26 8.27 -3.65 -17.18
C GLY A 26 8.05 -4.92 -17.95
N ASP A 27 8.93 -5.23 -18.88
CA ASP A 27 8.74 -6.43 -19.69
C ASP A 27 9.28 -7.72 -19.07
N GLU A 28 8.65 -8.83 -19.41
CA GLU A 28 9.05 -10.12 -18.88
C GLU A 28 10.26 -10.62 -19.65
N ILE A 29 11.30 -11.01 -18.92
CA ILE A 29 12.44 -11.70 -19.52
C ILE A 29 11.99 -13.13 -19.71
N PHE A 30 11.66 -13.78 -18.61
CA PHE A 30 11.19 -15.14 -18.67
C PHE A 30 10.43 -15.49 -17.41
N HIS A 31 9.83 -16.67 -17.42
CA HIS A 31 9.26 -17.27 -16.23
C HIS A 31 9.59 -18.75 -16.27
N VAL A 32 9.03 -19.52 -15.36
CA VAL A 32 9.35 -20.93 -15.28
C VAL A 32 8.04 -21.68 -15.21
N ASP A 33 7.79 -22.52 -16.21
CA ASP A 33 6.61 -23.35 -16.16
C ASP A 33 6.82 -24.35 -15.06
N MET A 34 6.07 -24.19 -13.98
CA MET A 34 6.33 -25.00 -12.82
C MET A 34 6.14 -26.49 -13.07
N ALA A 35 5.11 -26.84 -13.84
CA ALA A 35 4.77 -28.23 -14.09
C ALA A 35 5.82 -28.92 -14.95
N LYS A 36 6.04 -28.36 -16.14
CA LYS A 36 7.01 -28.91 -17.10
C LYS A 36 8.45 -28.68 -16.69
N LYS A 37 8.66 -28.02 -15.56
CA LYS A 37 10.01 -27.67 -15.13
C LYS A 37 10.86 -27.05 -16.26
N GLU A 38 10.32 -26.03 -16.92
CA GLU A 38 11.01 -25.39 -18.02
C GLU A 38 11.20 -23.91 -17.78
N THR A 39 12.36 -23.42 -18.20
CA THR A 39 12.59 -21.99 -18.38
C THR A 39 11.91 -21.58 -19.67
N VAL A 40 11.28 -20.42 -19.70
CA VAL A 40 10.48 -20.05 -20.86
C VAL A 40 10.60 -18.58 -21.17
N TRP A 41 11.33 -18.28 -22.23
CA TRP A 41 11.69 -16.90 -22.55
C TRP A 41 10.53 -16.18 -23.14
N ARG A 42 10.34 -14.93 -22.72
CA ARG A 42 9.24 -14.10 -23.21
C ARG A 42 9.36 -13.91 -24.72
N LEU A 43 10.58 -14.08 -25.23
CA LEU A 43 10.82 -14.16 -26.66
C LEU A 43 11.80 -15.30 -26.94
N GLU A 44 11.42 -16.21 -27.82
CA GLU A 44 12.27 -17.34 -28.15
C GLU A 44 13.72 -16.90 -28.12
N GLU A 45 14.03 -15.81 -28.84
CA GLU A 45 15.40 -15.36 -29.14
C GLU A 45 16.25 -15.00 -27.98
N PHE A 46 15.68 -14.96 -26.80
CA PHE A 46 16.51 -14.72 -25.63
C PHE A 46 17.34 -15.96 -25.35
N GLY A 47 16.89 -17.09 -25.87
CA GLY A 47 17.54 -18.35 -25.56
C GLY A 47 19.00 -18.34 -25.95
N ARG A 48 19.28 -17.74 -27.11
CA ARG A 48 20.62 -17.60 -27.68
C ARG A 48 21.58 -17.04 -26.67
N PHE A 49 21.21 -15.95 -26.01
CA PHE A 49 22.20 -15.17 -25.30
C PHE A 49 22.26 -15.40 -23.81
N ALA A 50 21.37 -16.23 -23.27
CA ALA A 50 21.45 -16.53 -21.84
C ALA A 50 20.69 -17.79 -21.52
N SER A 51 20.89 -18.26 -20.31
CA SER A 51 20.31 -19.50 -19.89
C SER A 51 19.90 -19.47 -18.45
N PHE A 52 18.85 -20.22 -18.12
CA PHE A 52 18.44 -20.34 -16.72
C PHE A 52 18.19 -21.78 -16.25
N GLU A 53 18.64 -22.05 -15.03
CA GLU A 53 18.53 -23.36 -14.41
C GLU A 53 17.14 -23.54 -13.81
N ALA A 54 16.23 -24.14 -14.58
CA ALA A 54 14.82 -24.20 -14.19
C ALA A 54 14.63 -24.71 -12.80
N GLN A 55 15.40 -25.71 -12.41
CA GLN A 55 15.23 -26.32 -11.10
C GLN A 55 15.29 -25.27 -9.99
N GLY A 56 16.23 -24.33 -10.13
CA GLY A 56 16.43 -23.29 -9.13
C GLY A 56 15.15 -22.60 -8.73
N ALA A 57 14.29 -22.34 -9.70
CA ALA A 57 13.04 -21.61 -9.49
C ALA A 57 12.08 -22.41 -8.68
N LEU A 58 12.17 -23.73 -8.80
CA LEU A 58 11.37 -24.65 -7.99
C LEU A 58 11.79 -24.58 -6.51
N ALA A 59 13.05 -24.90 -6.22
CA ALA A 59 13.57 -24.81 -4.86
C ALA A 59 13.28 -23.48 -4.17
N ASN A 60 13.00 -22.43 -4.94
CA ASN A 60 12.71 -21.12 -4.37
C ASN A 60 11.26 -21.13 -3.92
N ILE A 61 10.39 -21.44 -4.87
CA ILE A 61 8.96 -21.52 -4.63
C ILE A 61 8.68 -22.43 -3.43
N ALA A 62 9.43 -23.52 -3.33
CA ALA A 62 9.19 -24.48 -2.27
C ALA A 62 9.55 -23.90 -0.91
N VAL A 63 10.39 -22.88 -0.89
CA VAL A 63 10.66 -22.12 0.33
C VAL A 63 9.52 -21.13 0.64
N ASP A 64 9.01 -20.48 -0.41
CA ASP A 64 7.92 -19.53 -0.27
C ASP A 64 6.65 -20.22 0.19
N LYS A 65 6.47 -21.47 -0.18
CA LYS A 65 5.41 -22.27 0.42
C LYS A 65 5.67 -22.35 1.92
N ALA A 66 6.86 -22.77 2.30
CA ALA A 66 7.17 -22.98 3.72
C ALA A 66 7.00 -21.68 4.49
N ASN A 67 7.38 -20.59 3.84
CA ASN A 67 7.20 -19.26 4.39
C ASN A 67 5.73 -18.97 4.56
N LEU A 68 5.00 -19.08 3.46
CA LEU A 68 3.55 -18.85 3.45
C LEU A 68 2.91 -19.43 4.68
N GLU A 69 3.06 -20.74 4.87
CA GLU A 69 2.45 -21.44 6.00
C GLU A 69 2.76 -20.81 7.34
N ILE A 70 4.03 -20.51 7.59
CA ILE A 70 4.40 -19.90 8.86
C ILE A 70 3.94 -18.45 8.96
N MET A 71 3.87 -17.77 7.83
CA MET A 71 3.37 -16.41 7.81
C MET A 71 1.86 -16.29 7.96
N THR A 72 1.10 -17.27 7.48
CA THR A 72 -0.34 -17.18 7.66
C THR A 72 -0.65 -17.35 9.12
N LYS A 73 0.00 -18.31 9.76
CA LYS A 73 -0.28 -18.63 11.16
C LYS A 73 0.26 -17.54 12.11
N ARG A 74 1.17 -16.70 11.61
CA ARG A 74 1.66 -15.62 12.44
C ARG A 74 0.77 -14.38 12.27
N SER A 75 -0.42 -14.57 11.71
CA SER A 75 -1.33 -13.44 11.52
C SER A 75 -2.81 -13.83 11.63
N ASN A 76 -3.13 -14.62 12.64
CA ASN A 76 -4.48 -15.10 12.93
C ASN A 76 -5.15 -15.71 11.71
N TYR A 77 -4.36 -15.92 10.65
CA TYR A 77 -4.87 -16.47 9.40
C TYR A 77 -5.76 -15.47 8.65
N THR A 78 -5.39 -14.19 8.69
CA THR A 78 -6.19 -13.16 8.02
C THR A 78 -6.02 -13.23 6.51
N PRO A 79 -7.15 -13.36 5.79
CA PRO A 79 -7.20 -13.55 4.32
C PRO A 79 -6.79 -12.31 3.54
N ILE A 80 -6.49 -12.50 2.27
CA ILE A 80 -6.04 -11.41 1.43
C ILE A 80 -7.22 -10.66 0.88
N THR A 81 -7.22 -9.35 1.01
CA THR A 81 -8.30 -8.55 0.48
C THR A 81 -8.19 -8.46 -1.04
N ASN A 82 -9.24 -8.91 -1.72
CA ASN A 82 -9.28 -8.88 -3.17
C ASN A 82 -9.23 -7.45 -3.70
N VAL A 83 -8.51 -7.23 -4.78
CA VAL A 83 -8.66 -6.00 -5.52
C VAL A 83 -9.06 -6.45 -6.90
N PRO A 84 -10.15 -5.89 -7.40
CA PRO A 84 -10.62 -6.36 -8.69
C PRO A 84 -9.83 -5.67 -9.76
N PRO A 85 -9.72 -6.29 -10.92
CA PRO A 85 -8.95 -5.89 -12.09
C PRO A 85 -9.61 -4.79 -12.85
N GLU A 86 -8.86 -3.83 -13.36
CA GLU A 86 -9.41 -3.00 -14.41
C GLU A 86 -8.92 -3.53 -15.76
N VAL A 87 -9.80 -3.58 -16.75
CA VAL A 87 -9.48 -4.22 -18.00
C VAL A 87 -9.55 -3.27 -19.19
N THR A 88 -8.52 -3.30 -20.03
CA THR A 88 -8.45 -2.42 -21.19
C THR A 88 -8.18 -3.21 -22.45
N VAL A 89 -8.97 -2.99 -23.49
CA VAL A 89 -8.78 -3.74 -24.73
C VAL A 89 -8.36 -2.82 -25.87
N LEU A 90 -7.37 -3.26 -26.65
CA LEU A 90 -6.76 -2.42 -27.68
C LEU A 90 -6.10 -3.27 -28.78
N THR A 91 -5.83 -2.67 -29.93
CA THR A 91 -5.14 -3.38 -31.00
C THR A 91 -3.71 -2.92 -31.07
N ASN A 92 -2.80 -3.89 -31.21
CA ASN A 92 -1.37 -3.62 -31.12
C ASN A 92 -0.83 -2.62 -32.16
N SER A 93 -1.63 -2.34 -33.18
CA SER A 93 -1.31 -1.34 -34.20
C SER A 93 -2.62 -0.82 -34.81
N PRO A 94 -2.56 0.36 -35.48
CA PRO A 94 -3.74 0.90 -36.16
C PRO A 94 -4.47 -0.21 -36.92
N VAL A 95 -5.79 -0.08 -37.04
CA VAL A 95 -6.57 -1.17 -37.63
C VAL A 95 -6.93 -0.92 -39.09
N GLU A 96 -6.77 -2.00 -39.85
CA GLU A 96 -7.02 -2.03 -41.29
C GLU A 96 -8.01 -3.13 -41.52
N LEU A 97 -8.90 -2.97 -42.49
CA LEU A 97 -10.01 -3.92 -42.59
C LEU A 97 -9.56 -5.33 -42.92
N ARG A 98 -8.66 -5.50 -43.87
CA ARG A 98 -8.10 -6.83 -44.07
C ARG A 98 -6.58 -6.73 -44.09
N GLU A 99 -6.08 -6.42 -42.89
CA GLU A 99 -4.70 -6.60 -42.50
C GLU A 99 -4.85 -7.51 -41.31
N PRO A 100 -3.91 -8.42 -41.13
CA PRO A 100 -4.04 -9.23 -39.92
C PRO A 100 -3.60 -8.40 -38.71
N ASN A 101 -4.39 -8.37 -37.64
CA ASN A 101 -3.98 -7.64 -36.45
C ASN A 101 -4.06 -8.49 -35.22
N VAL A 102 -3.83 -7.88 -34.06
CA VAL A 102 -3.84 -8.63 -32.83
C VAL A 102 -4.45 -7.83 -31.70
N LEU A 103 -5.40 -8.46 -31.01
CA LEU A 103 -6.08 -7.88 -29.85
C LEU A 103 -5.36 -8.13 -28.53
N ILE A 104 -5.16 -7.06 -27.79
CA ILE A 104 -4.57 -7.14 -26.47
C ILE A 104 -5.63 -6.86 -25.40
N CYS A 105 -5.86 -7.83 -24.52
CA CYS A 105 -6.64 -7.61 -23.31
C CYS A 105 -5.75 -7.44 -22.09
N PHE A 106 -5.63 -6.20 -21.62
CA PHE A 106 -4.64 -5.84 -20.61
C PHE A 106 -5.19 -5.73 -19.21
N ILE A 107 -5.17 -6.82 -18.47
CA ILE A 107 -5.70 -6.82 -17.10
C ILE A 107 -4.74 -6.21 -16.08
N ASP A 108 -5.19 -5.19 -15.36
CA ASP A 108 -4.29 -4.32 -14.62
C ASP A 108 -4.72 -4.10 -13.17
N LYS A 109 -3.75 -3.88 -12.28
CA LYS A 109 -3.99 -3.52 -10.88
C LYS A 109 -4.95 -4.46 -10.12
N PHE A 110 -4.51 -5.67 -9.81
CA PHE A 110 -5.38 -6.58 -9.09
C PHE A 110 -4.64 -7.59 -8.25
N THR A 111 -5.36 -8.25 -7.35
CA THR A 111 -4.80 -9.33 -6.57
C THR A 111 -6.03 -10.01 -6.04
N PRO A 112 -5.90 -11.25 -5.54
CA PRO A 112 -4.76 -12.14 -5.75
C PRO A 112 -4.69 -12.52 -7.23
N PRO A 113 -3.51 -12.99 -7.69
CA PRO A 113 -3.27 -13.28 -9.09
C PRO A 113 -3.93 -14.59 -9.49
N VAL A 114 -5.19 -14.52 -9.88
CA VAL A 114 -5.88 -15.63 -10.51
C VAL A 114 -6.99 -15.01 -11.31
N VAL A 115 -7.10 -15.36 -12.59
CA VAL A 115 -8.22 -14.88 -13.40
C VAL A 115 -8.71 -15.94 -14.40
N ASN A 116 -10.00 -15.89 -14.72
CA ASN A 116 -10.61 -16.87 -15.61
C ASN A 116 -10.93 -16.09 -16.87
N VAL A 117 -9.94 -15.85 -17.72
CA VAL A 117 -10.14 -15.00 -18.90
C VAL A 117 -10.61 -15.73 -20.17
N THR A 118 -11.46 -15.07 -20.97
CA THR A 118 -12.07 -15.68 -22.15
C THR A 118 -12.08 -14.66 -23.25
N TRP A 119 -11.94 -15.14 -24.48
CA TRP A 119 -12.15 -14.27 -25.64
C TRP A 119 -13.50 -14.64 -26.26
N LEU A 120 -14.19 -13.66 -26.82
CA LEU A 120 -15.55 -13.83 -27.35
C LEU A 120 -15.76 -13.16 -28.70
N ARG A 121 -15.85 -13.99 -29.75
CA ARG A 121 -16.09 -13.50 -31.10
C ARG A 121 -17.59 -13.56 -31.41
N ASN A 122 -18.17 -12.39 -31.62
CA ASN A 122 -19.59 -12.29 -31.89
C ASN A 122 -20.41 -12.90 -30.76
N GLY A 123 -19.74 -13.29 -29.68
CA GLY A 123 -20.41 -13.83 -28.52
C GLY A 123 -20.02 -15.26 -28.26
N LYS A 124 -19.18 -15.80 -29.12
CA LYS A 124 -18.79 -17.20 -28.97
C LYS A 124 -17.31 -17.37 -28.67
N PRO A 125 -17.00 -18.23 -27.69
CA PRO A 125 -15.66 -18.35 -27.13
C PRO A 125 -14.67 -18.68 -28.24
N VAL A 126 -13.55 -17.94 -28.28
CA VAL A 126 -12.49 -18.21 -29.25
C VAL A 126 -11.30 -18.91 -28.59
N THR A 127 -10.64 -19.76 -29.36
CA THR A 127 -9.51 -20.56 -28.87
C THR A 127 -8.38 -20.64 -29.93
N THR A 128 -8.60 -20.03 -31.09
CA THR A 128 -7.69 -20.16 -32.23
C THR A 128 -6.51 -19.20 -32.19
N GLY A 129 -5.39 -19.66 -31.66
CA GLY A 129 -4.15 -18.92 -31.73
C GLY A 129 -3.91 -17.91 -30.63
N VAL A 130 -4.57 -18.12 -29.50
CA VAL A 130 -4.46 -17.18 -28.42
C VAL A 130 -3.21 -17.47 -27.63
N SER A 131 -2.57 -16.40 -27.17
CA SER A 131 -1.43 -16.48 -26.30
C SER A 131 -1.75 -15.65 -25.08
N GLU A 132 -1.21 -16.02 -23.95
CA GLU A 132 -1.48 -15.25 -22.75
C GLU A 132 -0.23 -15.11 -21.93
N THR A 133 0.05 -13.91 -21.47
CA THR A 133 1.13 -13.75 -20.51
C THR A 133 0.85 -14.34 -19.12
N VAL A 134 1.93 -14.57 -18.40
CA VAL A 134 1.90 -14.97 -17.00
C VAL A 134 1.67 -13.71 -16.17
N PHE A 135 1.45 -13.87 -14.88
CA PHE A 135 1.27 -12.74 -13.96
C PHE A 135 2.53 -11.92 -13.77
N LEU A 136 2.39 -10.60 -13.96
CA LEU A 136 3.49 -9.64 -13.93
C LEU A 136 3.33 -8.67 -12.78
N PRO A 137 4.43 -8.19 -12.20
CA PRO A 137 4.42 -7.48 -10.91
C PRO A 137 4.49 -5.97 -11.06
N ARG A 138 3.69 -5.25 -10.26
CA ARG A 138 3.61 -3.78 -10.28
C ARG A 138 4.36 -3.24 -9.08
N GLU A 139 4.59 -1.93 -9.07
CA GLU A 139 5.31 -1.29 -7.98
C GLU A 139 4.54 -1.32 -6.66
N ASP A 140 3.21 -1.29 -6.78
CA ASP A 140 2.32 -1.32 -5.62
C ASP A 140 2.02 -2.75 -5.20
N HIS A 141 2.65 -3.70 -5.91
CA HIS A 141 2.56 -5.12 -5.57
C HIS A 141 1.25 -5.75 -6.04
N LEU A 142 0.46 -5.01 -6.82
CA LEU A 142 -0.68 -5.55 -7.56
C LEU A 142 -0.22 -6.12 -8.90
N PHE A 143 -1.08 -6.88 -9.57
CA PHE A 143 -0.67 -7.69 -10.71
C PHE A 143 -1.13 -7.20 -12.10
N ARG A 144 -0.39 -7.57 -13.14
CA ARG A 144 -0.82 -7.32 -14.50
C ARG A 144 -0.81 -8.63 -15.24
N LYS A 145 -1.45 -8.66 -16.39
CA LYS A 145 -1.48 -9.86 -17.22
C LYS A 145 -2.00 -9.38 -18.56
N PHE A 146 -1.50 -9.94 -19.64
CA PHE A 146 -2.03 -9.60 -20.98
C PHE A 146 -2.61 -10.83 -21.65
N HIS A 147 -3.34 -10.62 -22.73
CA HIS A 147 -3.89 -11.72 -23.51
C HIS A 147 -3.92 -11.25 -24.94
N TYR A 148 -3.89 -12.19 -25.84
CA TYR A 148 -3.70 -11.84 -27.22
C TYR A 148 -4.55 -12.71 -28.10
N LEU A 149 -5.25 -12.06 -29.01
CA LEU A 149 -6.01 -12.78 -29.97
C LEU A 149 -5.60 -12.27 -31.34
N PRO A 150 -5.00 -13.13 -32.16
CA PRO A 150 -4.81 -12.69 -33.54
C PRO A 150 -6.13 -12.81 -34.27
N PHE A 151 -6.47 -11.80 -35.07
CA PHE A 151 -7.75 -11.82 -35.76
C PHE A 151 -7.66 -11.16 -37.12
N LEU A 152 -8.62 -11.45 -38.00
CA LEU A 152 -8.79 -10.67 -39.22
C LEU A 152 -9.89 -9.62 -39.04
N PRO A 153 -9.49 -8.34 -38.97
CA PRO A 153 -10.50 -7.29 -38.85
C PRO A 153 -11.57 -7.44 -39.92
N SER A 154 -12.84 -7.56 -39.53
CA SER A 154 -13.92 -7.48 -40.51
C SER A 154 -14.99 -6.52 -40.02
N THR A 155 -15.84 -6.04 -40.92
CA THR A 155 -16.93 -5.12 -40.56
C THR A 155 -18.08 -5.87 -39.89
N GLU A 156 -18.05 -7.19 -39.95
CA GLU A 156 -19.06 -8.03 -39.35
C GLU A 156 -18.51 -8.91 -38.22
N ASP A 157 -17.72 -8.29 -37.35
CA ASP A 157 -17.12 -9.00 -36.22
C ASP A 157 -16.98 -8.11 -35.00
N VAL A 158 -17.44 -8.61 -33.86
CA VAL A 158 -17.35 -7.88 -32.60
C VAL A 158 -16.76 -8.80 -31.53
N TYR A 159 -15.65 -8.37 -30.95
CA TYR A 159 -14.94 -9.23 -30.02
C TYR A 159 -15.06 -8.67 -28.61
N ASP A 160 -15.01 -9.55 -27.61
CA ASP A 160 -15.03 -9.15 -26.20
C ASP A 160 -14.05 -9.96 -25.36
N CYS A 161 -13.54 -9.38 -24.28
CA CYS A 161 -12.60 -10.08 -23.42
C CYS A 161 -13.26 -10.31 -22.08
N ARG A 162 -13.47 -11.55 -21.71
CA ARG A 162 -14.28 -11.81 -20.51
C ARG A 162 -13.49 -12.13 -19.26
N VAL A 163 -13.08 -11.11 -18.53
CA VAL A 163 -12.29 -11.34 -17.32
C VAL A 163 -13.18 -11.69 -16.14
N GLU A 164 -12.82 -12.74 -15.41
CA GLU A 164 -13.45 -13.00 -14.11
C GLU A 164 -12.45 -12.69 -13.02
N HIS A 165 -12.91 -12.64 -11.78
CA HIS A 165 -12.03 -12.42 -10.63
C HIS A 165 -12.88 -12.38 -9.38
N TRP A 166 -12.30 -12.74 -8.25
CA TRP A 166 -13.05 -12.75 -6.99
C TRP A 166 -13.20 -11.38 -6.32
N GLY A 167 -12.87 -10.32 -7.04
CA GLY A 167 -13.14 -8.99 -6.57
C GLY A 167 -14.34 -8.43 -7.30
N LEU A 168 -14.63 -8.96 -8.49
CA LEU A 168 -15.73 -8.49 -9.31
C LEU A 168 -17.09 -9.05 -8.89
N ASP A 169 -18.11 -8.19 -8.87
CA ASP A 169 -19.47 -8.62 -8.58
C ASP A 169 -19.92 -9.62 -9.63
N GLU A 170 -19.85 -9.17 -10.89
CA GLU A 170 -20.17 -9.99 -12.05
C GLU A 170 -19.05 -9.87 -13.06
N PRO A 171 -18.72 -10.97 -13.72
CA PRO A 171 -17.77 -11.02 -14.83
C PRO A 171 -17.81 -9.79 -15.75
N LEU A 172 -16.64 -9.16 -15.89
CA LEU A 172 -16.49 -7.94 -16.67
C LEU A 172 -16.18 -8.21 -18.14
N LEU A 173 -16.82 -7.48 -19.04
CA LEU A 173 -16.53 -7.57 -20.48
C LEU A 173 -16.08 -6.25 -21.07
N LYS A 174 -14.97 -6.29 -21.79
CA LYS A 174 -14.48 -5.12 -22.50
C LYS A 174 -14.64 -5.36 -23.98
N HIS A 175 -15.45 -4.54 -24.60
CA HIS A 175 -15.87 -4.82 -25.96
C HIS A 175 -15.16 -3.89 -26.91
N TRP A 176 -14.42 -4.49 -27.83
CA TRP A 176 -13.90 -3.76 -28.97
C TRP A 176 -14.55 -4.32 -30.25
N GLU A 177 -14.98 -3.41 -31.12
CA GLU A 177 -15.47 -3.72 -32.47
C GLU A 177 -15.01 -2.55 -33.34
N PHE A 178 -14.99 -2.74 -34.65
CA PHE A 178 -14.66 -1.64 -35.54
C PHE A 178 -15.91 -0.78 -35.79
N ARG B 1 -14.12 -18.33 -1.22
CA ARG B 1 -13.09 -19.03 -0.44
C ARG B 1 -11.87 -18.15 -0.12
N PRO B 2 -11.25 -18.34 1.07
CA PRO B 2 -10.22 -17.42 1.60
C PRO B 2 -8.84 -17.62 0.99
N ARG B 3 -8.19 -16.55 0.52
CA ARG B 3 -6.87 -16.68 -0.11
C ARG B 3 -5.68 -16.12 0.72
N PHE B 4 -4.52 -16.79 0.64
CA PHE B 4 -3.27 -16.41 1.32
C PHE B 4 -2.11 -16.37 0.32
N LEU B 5 -1.32 -15.30 0.37
CA LEU B 5 -0.28 -15.06 -0.63
C LEU B 5 1.07 -14.74 0.01
N GLU B 6 2.06 -15.61 -0.23
CA GLU B 6 3.41 -15.26 0.10
C GLU B 6 4.08 -14.72 -1.15
N LEU B 7 4.99 -13.78 -1.00
CA LEU B 7 5.43 -13.04 -2.17
C LEU B 7 6.83 -12.54 -1.92
N LEU B 8 7.68 -12.64 -2.94
CA LEU B 8 9.07 -12.21 -2.81
C LEU B 8 9.55 -11.56 -4.08
N LYS B 9 10.05 -10.34 -3.93
CA LYS B 9 10.62 -9.62 -5.05
C LYS B 9 12.08 -9.33 -4.74
N SER B 10 12.92 -9.61 -5.72
CA SER B 10 14.34 -9.37 -5.62
C SER B 10 14.74 -8.28 -6.64
N GLU B 11 15.03 -7.11 -6.10
CA GLU B 11 15.20 -5.91 -6.89
C GLU B 11 16.66 -5.51 -7.10
N CYS B 12 17.00 -5.24 -8.35
CA CYS B 12 18.31 -4.76 -8.69
C CYS B 12 18.18 -3.39 -9.33
N HIS B 13 18.69 -2.37 -8.65
CA HIS B 13 18.56 -1.01 -9.16
C HIS B 13 19.87 -0.43 -9.67
N PHE B 14 19.90 -0.10 -10.97
CA PHE B 14 21.15 0.31 -11.63
C PHE B 14 21.17 1.80 -11.97
N PHE B 15 22.17 2.51 -11.46
CA PHE B 15 22.34 3.94 -11.75
C PHE B 15 23.62 4.18 -12.52
N ASN B 16 23.58 5.02 -13.56
CA ASN B 16 24.76 5.26 -14.39
C ASN B 16 25.34 3.92 -14.85
N GLY B 17 24.65 3.22 -15.75
CA GLY B 17 25.11 1.91 -16.18
C GLY B 17 25.08 0.93 -15.03
N THR B 18 26.24 0.60 -14.46
CA THR B 18 26.29 -0.19 -13.22
C THR B 18 27.28 0.39 -12.20
N GLU B 19 27.48 1.71 -12.28
CA GLU B 19 28.33 2.46 -11.36
C GLU B 19 27.80 2.29 -9.96
N ARG B 20 26.55 2.71 -9.77
CA ARG B 20 25.83 2.60 -8.52
C ARG B 20 24.79 1.51 -8.70
N VAL B 21 24.89 0.44 -7.92
CA VAL B 21 23.85 -0.58 -7.88
C VAL B 21 23.27 -0.70 -6.46
N ARG B 22 21.98 -1.01 -6.37
CA ARG B 22 21.32 -1.16 -5.07
C ARG B 22 20.30 -2.30 -5.15
N PHE B 23 20.31 -3.09 -4.09
CA PHE B 23 19.67 -4.40 -4.08
C PHE B 23 18.64 -4.53 -2.95
N LEU B 24 17.41 -4.93 -3.29
CA LEU B 24 16.34 -5.07 -2.31
C LEU B 24 15.74 -6.45 -2.35
N GLU B 25 15.80 -7.12 -1.21
CA GLU B 25 15.09 -8.38 -1.06
C GLU B 25 13.84 -8.14 -0.21
N ARG B 26 12.67 -8.31 -0.82
CA ARG B 26 11.42 -7.89 -0.18
C ARG B 26 10.45 -9.04 0.00
N TYR B 27 9.98 -9.24 1.22
CA TYR B 27 9.09 -10.33 1.54
C TYR B 27 7.72 -9.80 1.86
N PHE B 28 6.71 -10.20 1.10
CA PHE B 28 5.35 -9.78 1.41
C PHE B 28 4.45 -10.94 1.86
N HIS B 29 3.36 -10.57 2.51
CA HIS B 29 2.26 -11.46 2.82
C HIS B 29 0.96 -10.68 2.55
N ASN B 30 0.26 -11.00 1.48
CA ASN B 30 -1.02 -10.37 1.27
C ASN B 30 -0.88 -8.86 1.15
N GLN B 31 -0.02 -8.40 0.25
CA GLN B 31 0.21 -6.97 0.05
C GLN B 31 0.81 -6.27 1.26
N GLU B 32 1.53 -7.00 2.10
CA GLU B 32 2.21 -6.41 3.24
C GLU B 32 3.69 -6.80 3.42
N GLU B 33 4.60 -5.93 3.00
CA GLU B 33 6.04 -6.14 3.20
C GLU B 33 6.41 -6.15 4.66
N PHE B 34 6.89 -7.27 5.17
CA PHE B 34 7.18 -7.31 6.59
C PHE B 34 8.64 -7.24 6.93
N VAL B 35 9.50 -7.57 5.96
CA VAL B 35 10.93 -7.52 6.14
C VAL B 35 11.65 -7.51 4.80
N ARG B 36 12.70 -6.71 4.71
CA ARG B 36 13.49 -6.59 3.49
C ARG B 36 14.97 -6.51 3.82
N PHE B 37 15.80 -6.85 2.85
CA PHE B 37 17.22 -6.56 2.95
C PHE B 37 17.55 -5.48 1.94
N ASP B 38 18.18 -4.43 2.44
CA ASP B 38 18.58 -3.31 1.58
C ASP B 38 20.12 -3.25 1.50
N SER B 39 20.68 -3.51 0.32
CA SER B 39 22.13 -3.47 0.13
C SER B 39 22.72 -2.15 0.63
N ASP B 40 21.89 -1.11 0.65
CA ASP B 40 22.29 0.22 1.13
C ASP B 40 22.33 0.26 2.65
N VAL B 41 21.88 -0.82 3.32
CA VAL B 41 21.73 -0.80 4.76
C VAL B 41 22.64 -1.80 5.43
N GLY B 42 22.81 -2.95 4.79
CA GLY B 42 23.74 -3.93 5.31
C GLY B 42 23.10 -5.11 6.04
N GLU B 43 22.08 -4.86 6.84
CA GLU B 43 21.40 -5.95 7.51
C GLU B 43 19.93 -6.04 7.17
N TYR B 44 19.31 -7.14 7.59
CA TYR B 44 17.88 -7.33 7.42
C TYR B 44 17.18 -6.34 8.33
N ARG B 45 16.27 -5.55 7.75
CA ARG B 45 15.45 -4.61 8.52
C ARG B 45 13.97 -4.97 8.47
N ALA B 46 13.29 -4.90 9.62
CA ALA B 46 11.86 -5.22 9.69
C ALA B 46 11.00 -4.03 9.27
N VAL B 47 10.00 -4.26 8.43
CA VAL B 47 9.18 -3.16 7.92
C VAL B 47 7.92 -2.95 8.74
N THR B 48 7.33 -4.04 9.23
CA THR B 48 6.20 -3.95 10.13
C THR B 48 6.56 -4.77 11.35
N GLU B 49 5.97 -4.47 12.49
CA GLU B 49 6.28 -5.23 13.70
C GLU B 49 6.01 -6.76 13.56
N LEU B 50 5.42 -7.15 12.43
CA LEU B 50 5.20 -8.57 12.16
C LEU B 50 6.49 -9.27 11.72
N GLY B 51 7.41 -8.49 11.17
CA GLY B 51 8.66 -9.04 10.68
C GLY B 51 9.84 -8.71 11.59
N ARG B 52 9.57 -8.11 12.74
CA ARG B 52 10.67 -7.76 13.63
C ARG B 52 11.36 -8.97 14.24
N PRO B 53 10.61 -10.04 14.54
CA PRO B 53 11.23 -11.23 15.14
C PRO B 53 12.00 -12.06 14.10
N VAL B 54 11.55 -11.96 12.85
CA VAL B 54 12.22 -12.56 11.72
C VAL B 54 13.57 -11.87 11.48
N ALA B 55 13.59 -10.56 11.32
CA ALA B 55 14.84 -9.85 11.04
C ALA B 55 15.85 -9.90 12.20
N GLU B 56 15.39 -10.23 13.41
CA GLU B 56 16.32 -10.33 14.53
C GLU B 56 16.95 -11.70 14.49
N SER B 57 16.20 -12.67 13.99
CA SER B 57 16.71 -14.02 13.86
C SER B 57 17.75 -14.08 12.76
N TRP B 58 17.49 -13.33 11.70
CA TRP B 58 18.31 -13.43 10.49
C TRP B 58 19.63 -12.69 10.58
N ASN B 59 19.72 -11.66 11.41
CA ASN B 59 20.97 -10.95 11.52
C ASN B 59 21.88 -11.58 12.56
N SER B 60 21.35 -12.59 13.25
CA SER B 60 22.13 -13.33 14.23
C SER B 60 23.12 -14.22 13.49
N GLN B 61 22.62 -14.88 12.44
CA GLN B 61 23.45 -15.68 11.54
C GLN B 61 24.33 -14.74 10.70
N LYS B 62 25.57 -14.54 11.16
CA LYS B 62 26.49 -13.62 10.49
C LYS B 62 26.95 -14.15 9.13
N ASP B 63 26.84 -15.47 8.93
CA ASP B 63 27.14 -16.08 7.64
C ASP B 63 26.22 -15.53 6.54
N LEU B 64 24.91 -15.60 6.82
CA LEU B 64 23.83 -15.06 5.96
C LEU B 64 24.11 -13.66 5.44
N LEU B 65 24.49 -12.78 6.37
CA LEU B 65 24.66 -11.37 6.04
C LEU B 65 25.69 -11.23 4.96
N GLU B 66 26.93 -11.59 5.30
CA GLU B 66 28.08 -11.45 4.42
C GLU B 66 27.68 -11.80 3.00
N GLN B 67 26.89 -12.88 2.91
CA GLN B 67 26.50 -13.47 1.63
C GLN B 67 25.51 -12.61 0.86
N LYS B 68 24.45 -12.23 1.57
CA LYS B 68 23.44 -11.37 1.01
C LYS B 68 24.08 -10.05 0.58
N ARG B 69 25.09 -9.61 1.33
CA ARG B 69 25.72 -8.32 1.07
C ARG B 69 26.19 -8.23 -0.36
N GLY B 70 26.87 -9.28 -0.81
CA GLY B 70 27.44 -9.30 -2.15
C GLY B 70 26.53 -9.70 -3.30
N GLN B 71 25.23 -9.50 -3.16
CA GLN B 71 24.36 -9.76 -4.28
C GLN B 71 24.42 -8.62 -5.28
N VAL B 72 24.69 -7.42 -4.79
CA VAL B 72 24.84 -6.27 -5.65
C VAL B 72 25.89 -6.56 -6.71
N ASP B 73 26.84 -7.40 -6.35
CA ASP B 73 27.91 -7.82 -7.25
C ASP B 73 27.57 -9.15 -7.92
N ASN B 74 27.45 -10.20 -7.10
CA ASN B 74 27.20 -11.59 -7.53
C ASN B 74 25.90 -11.79 -8.31
N TYR B 75 24.90 -10.98 -8.00
CA TYR B 75 23.55 -11.19 -8.46
C TYR B 75 23.19 -10.10 -9.42
N CYS B 76 23.42 -8.87 -9.01
CA CYS B 76 22.90 -7.74 -9.73
C CYS B 76 23.70 -7.41 -10.96
N ARG B 77 24.97 -7.06 -10.77
CA ARG B 77 25.87 -6.71 -11.89
C ARG B 77 26.00 -7.89 -12.85
N HIS B 78 26.10 -9.07 -12.25
CA HIS B 78 26.10 -10.33 -12.99
C HIS B 78 24.94 -10.54 -13.98
N ASN B 79 23.70 -10.36 -13.52
CA ASN B 79 22.55 -10.56 -14.37
C ASN B 79 22.45 -9.46 -15.40
N TYR B 80 22.83 -8.26 -15.00
CA TYR B 80 22.85 -7.13 -15.92
C TYR B 80 23.73 -7.53 -17.07
N GLY B 81 24.97 -7.89 -16.75
CA GLY B 81 25.98 -8.25 -17.75
C GLY B 81 25.43 -9.26 -18.71
N VAL B 82 24.78 -10.28 -18.18
CA VAL B 82 24.27 -11.36 -19.01
C VAL B 82 23.29 -10.83 -20.04
N VAL B 83 22.30 -10.10 -19.57
CA VAL B 83 21.13 -9.72 -20.36
C VAL B 83 21.20 -8.36 -21.04
N GLU B 84 22.19 -7.55 -20.71
CA GLU B 84 22.29 -6.21 -21.27
C GLU B 84 22.33 -6.40 -22.76
N SER B 85 22.86 -7.53 -23.14
CA SER B 85 23.06 -7.86 -24.53
C SER B 85 21.80 -7.76 -25.42
N PHE B 86 20.61 -7.86 -24.81
CA PHE B 86 19.34 -7.93 -25.56
C PHE B 86 18.17 -7.25 -24.88
N THR B 87 18.45 -6.53 -23.81
CA THR B 87 17.45 -5.76 -23.10
C THR B 87 17.83 -4.31 -23.12
N VAL B 88 18.89 -3.94 -22.41
CA VAL B 88 19.41 -2.59 -22.40
C VAL B 88 19.64 -2.11 -23.83
N GLN B 89 20.39 -2.90 -24.58
CA GLN B 89 20.80 -2.51 -25.93
C GLN B 89 19.77 -2.92 -26.95
N ARG B 90 18.52 -2.94 -26.54
CA ARG B 90 17.44 -3.31 -27.44
C ARG B 90 16.75 -2.04 -28.00
N ARG B 91 16.83 -1.85 -29.31
CA ARG B 91 16.13 -0.78 -30.01
C ARG B 91 15.33 -1.32 -31.17
N VAL B 92 14.01 -1.20 -31.07
CA VAL B 92 13.14 -1.43 -32.22
C VAL B 92 12.49 -0.11 -32.59
N HIS B 93 12.72 0.38 -33.81
CA HIS B 93 12.24 1.72 -34.12
C HIS B 93 10.80 1.77 -34.58
N PRO B 94 10.11 2.84 -34.23
CA PRO B 94 8.67 3.03 -34.31
C PRO B 94 8.10 2.78 -35.69
N GLN B 95 6.80 2.56 -35.71
CA GLN B 95 6.05 2.41 -36.94
C GLN B 95 4.99 3.50 -36.96
N VAL B 96 5.30 4.64 -37.59
CA VAL B 96 4.42 5.81 -37.52
C VAL B 96 3.47 5.98 -38.69
N THR B 97 2.24 6.31 -38.37
CA THR B 97 1.20 6.49 -39.38
C THR B 97 0.23 7.57 -38.93
N VAL B 98 -0.02 8.56 -39.79
CA VAL B 98 -0.97 9.60 -39.46
C VAL B 98 -2.30 9.42 -40.18
N TYR B 99 -3.38 9.77 -39.50
CA TYR B 99 -4.72 9.62 -40.05
C TYR B 99 -5.72 10.31 -39.15
N PRO B 100 -6.80 10.87 -39.72
CA PRO B 100 -7.80 11.55 -38.91
C PRO B 100 -8.88 10.58 -38.48
N ALA B 101 -9.22 10.57 -37.19
CA ALA B 101 -10.35 9.79 -36.74
C ALA B 101 -11.61 10.37 -37.36
N LYS B 102 -12.66 9.55 -37.44
CA LYS B 102 -13.95 10.00 -37.95
C LYS B 102 -15.03 9.95 -36.88
N LEU B 111 -10.55 14.91 -36.85
CA LEU B 111 -9.51 15.45 -35.96
C LEU B 111 -8.32 14.48 -35.76
N LEU B 112 -7.12 15.01 -35.90
CA LEU B 112 -5.91 14.26 -36.36
C LEU B 112 -5.13 13.38 -35.38
N VAL B 113 -4.96 12.11 -35.74
CA VAL B 113 -4.20 11.16 -34.94
C VAL B 113 -2.78 10.98 -35.46
N CYS B 114 -1.84 10.76 -34.56
CA CYS B 114 -0.52 10.30 -34.95
C CYS B 114 -0.21 9.02 -34.21
N SER B 115 -0.23 7.89 -34.92
CA SER B 115 -0.11 6.58 -34.28
C SER B 115 1.27 5.91 -34.43
N VAL B 116 2.14 6.18 -33.46
CA VAL B 116 3.43 5.49 -33.34
C VAL B 116 3.17 4.13 -32.71
N SER B 117 3.66 3.03 -33.30
CA SER B 117 3.50 1.69 -32.67
C SER B 117 4.74 0.78 -32.68
N GLY B 118 4.67 -0.29 -31.90
CA GLY B 118 5.74 -1.27 -31.79
C GLY B 118 7.19 -0.82 -31.68
N PHE B 119 7.52 -0.02 -30.67
CA PHE B 119 8.88 0.49 -30.45
C PHE B 119 9.45 0.17 -29.08
N TYR B 120 10.78 0.16 -28.98
CA TYR B 120 11.48 -0.04 -27.71
C TYR B 120 12.72 0.84 -27.74
N PRO B 121 13.12 1.42 -26.59
CA PRO B 121 12.51 1.35 -25.26
C PRO B 121 11.42 2.39 -25.09
N GLY B 122 11.04 2.65 -23.85
CA GLY B 122 9.91 3.51 -23.57
C GLY B 122 10.11 4.94 -24.03
N SER B 123 11.11 5.60 -23.46
CA SER B 123 11.34 7.01 -23.76
C SER B 123 11.11 7.31 -25.21
N ILE B 124 10.16 8.21 -25.48
CA ILE B 124 9.90 8.68 -26.83
C ILE B 124 9.36 10.11 -26.80
N GLU B 125 9.48 10.79 -27.94
CA GLU B 125 9.25 12.22 -28.04
C GLU B 125 8.45 12.46 -29.29
N VAL B 126 7.17 12.79 -29.14
CA VAL B 126 6.34 13.13 -30.30
C VAL B 126 5.96 14.61 -30.27
N ARG B 127 6.06 15.29 -31.42
CA ARG B 127 5.63 16.68 -31.53
C ARG B 127 4.84 16.89 -32.81
N TRP B 128 3.76 17.66 -32.69
CA TRP B 128 2.93 18.01 -33.83
C TRP B 128 3.39 19.37 -34.33
N PHE B 129 3.25 19.58 -35.64
CA PHE B 129 3.68 20.81 -36.29
C PHE B 129 2.63 21.27 -37.28
N ARG B 130 2.42 22.57 -37.35
CA ARG B 130 1.53 23.13 -38.35
C ARG B 130 2.26 24.13 -39.24
N ASN B 131 2.46 23.74 -40.50
CA ASN B 131 3.14 24.58 -41.47
C ASN B 131 4.53 24.94 -41.00
N GLY B 132 5.20 23.97 -40.39
CA GLY B 132 6.56 24.15 -39.93
C GLY B 132 6.62 24.82 -38.59
N GLN B 133 5.45 25.07 -38.02
CA GLN B 133 5.36 25.66 -36.68
C GLN B 133 4.90 24.62 -35.66
N GLU B 134 5.59 24.55 -34.53
CA GLU B 134 5.23 23.61 -33.48
C GLU B 134 3.90 23.96 -32.81
N GLU B 135 2.90 23.12 -33.02
CA GLU B 135 1.65 23.24 -32.30
C GLU B 135 1.89 22.82 -30.87
N LYS B 136 1.46 23.65 -29.91
CA LYS B 136 1.52 23.32 -28.49
C LYS B 136 0.16 23.33 -27.79
N THR B 137 -0.88 23.82 -28.46
CA THR B 137 -2.21 23.88 -27.86
C THR B 137 -2.93 22.54 -27.86
N GLY B 138 -3.44 22.14 -29.03
CA GLY B 138 -4.33 20.99 -29.12
C GLY B 138 -3.71 19.61 -28.95
N VAL B 139 -2.61 19.52 -28.23
CA VAL B 139 -1.91 18.24 -28.10
C VAL B 139 -2.56 17.38 -27.05
N VAL B 140 -3.20 16.28 -27.46
CA VAL B 140 -3.81 15.36 -26.49
C VAL B 140 -3.37 13.90 -26.64
N SER B 141 -2.42 13.52 -25.80
CA SER B 141 -1.72 12.24 -25.91
C SER B 141 -2.37 11.18 -25.03
N THR B 142 -2.27 9.92 -25.47
CA THR B 142 -2.71 8.80 -24.64
C THR B 142 -1.55 8.29 -23.79
N GLY B 143 -0.39 8.93 -23.93
CA GLY B 143 0.77 8.60 -23.10
C GLY B 143 1.39 7.28 -23.51
N LEU B 144 2.44 6.87 -22.81
CA LEU B 144 3.18 5.67 -23.16
C LEU B 144 2.50 4.36 -22.74
N ILE B 145 1.99 3.61 -23.72
CA ILE B 145 1.27 2.36 -23.48
C ILE B 145 2.17 1.14 -23.63
N HIS B 146 2.03 0.20 -22.71
CA HIS B 146 2.86 -1.01 -22.73
C HIS B 146 2.10 -2.10 -23.47
N ASN B 147 2.73 -2.67 -24.49
CA ASN B 147 2.08 -3.72 -25.28
C ASN B 147 2.27 -5.08 -24.63
N GLY B 148 3.25 -5.18 -23.74
CA GLY B 148 3.46 -6.37 -22.94
C GLY B 148 4.48 -7.33 -23.51
N ASP B 149 4.80 -7.15 -24.78
CA ASP B 149 5.76 -7.99 -25.50
C ASP B 149 6.99 -7.23 -25.96
N TRP B 150 7.58 -6.46 -25.07
CA TRP B 150 8.79 -5.71 -25.38
C TRP B 150 8.55 -4.71 -26.51
N THR B 151 7.32 -4.26 -26.66
CA THR B 151 7.01 -3.17 -27.56
C THR B 151 6.07 -2.18 -26.90
N PHE B 152 6.14 -0.93 -27.33
CA PHE B 152 5.28 0.15 -26.84
C PHE B 152 4.51 0.77 -28.00
N GLN B 153 3.32 1.27 -27.73
CA GLN B 153 2.56 1.97 -28.73
C GLN B 153 2.03 3.22 -28.04
N THR B 154 2.00 4.35 -28.75
CA THR B 154 1.42 5.57 -28.19
C THR B 154 0.69 6.32 -29.28
N LEU B 155 -0.37 7.05 -28.93
CA LEU B 155 -1.09 7.87 -29.92
C LEU B 155 -1.15 9.33 -29.45
N VAL B 156 -1.11 10.29 -30.38
CA VAL B 156 -1.13 11.71 -30.01
C VAL B 156 -2.08 12.54 -30.86
N MET B 157 -3.37 12.65 -30.47
CA MET B 157 -4.31 13.43 -31.26
C MET B 157 -3.92 14.93 -31.29
N LEU B 158 -4.17 15.59 -32.43
CA LEU B 158 -4.08 17.04 -32.54
C LEU B 158 -5.47 17.65 -32.76
N GLU B 159 -5.83 18.57 -31.87
CA GLU B 159 -7.14 19.20 -31.88
C GLU B 159 -7.21 20.29 -32.94
N THR B 160 -7.36 19.89 -34.19
CA THR B 160 -7.53 20.88 -35.24
C THR B 160 -8.56 20.44 -36.26
N VAL B 161 -9.54 21.34 -36.49
CA VAL B 161 -10.39 21.35 -37.66
C VAL B 161 -9.71 22.40 -38.58
N PRO B 162 -9.21 21.95 -39.76
CA PRO B 162 -8.24 22.68 -40.61
C PRO B 162 -8.80 23.36 -41.86
N ARG B 163 -7.88 23.95 -42.63
CA ARG B 163 -8.17 24.64 -43.89
C ARG B 163 -7.32 24.05 -45.05
N SER B 164 -7.87 24.08 -46.27
CA SER B 164 -7.23 23.46 -47.44
C SER B 164 -5.89 24.08 -47.80
N GLY B 165 -4.87 23.23 -47.94
CA GLY B 165 -3.56 23.66 -48.38
C GLY B 165 -2.55 23.71 -47.25
N GLU B 166 -2.99 23.40 -46.05
CA GLU B 166 -2.11 23.40 -44.87
C GLU B 166 -1.36 22.07 -44.77
N VAL B 167 -0.14 22.12 -44.24
CA VAL B 167 0.60 20.89 -43.99
C VAL B 167 0.85 20.66 -42.50
N TYR B 168 0.37 19.50 -42.03
CA TYR B 168 0.63 19.06 -40.68
C TYR B 168 1.71 17.98 -40.68
N THR B 169 2.64 18.09 -39.75
CA THR B 169 3.76 17.17 -39.64
C THR B 169 3.90 16.62 -38.20
N CYS B 170 3.84 15.29 -38.06
CA CYS B 170 4.11 14.62 -36.79
C CYS B 170 5.58 14.30 -36.71
N GLN B 171 6.25 14.70 -35.63
CA GLN B 171 7.69 14.54 -35.59
C GLN B 171 8.18 13.66 -34.46
N VAL B 172 8.40 12.38 -34.74
CA VAL B 172 8.86 11.40 -33.75
C VAL B 172 10.38 11.40 -33.60
N GLU B 173 10.85 11.35 -32.34
CA GLU B 173 12.27 11.13 -32.02
C GLU B 173 12.37 9.98 -31.07
N HIS B 174 13.43 9.19 -31.21
CA HIS B 174 13.57 7.96 -30.46
C HIS B 174 15.02 7.53 -30.51
N PRO B 175 15.51 6.88 -29.44
CA PRO B 175 16.90 6.42 -29.34
C PRO B 175 17.26 5.25 -30.28
N SER B 176 16.58 5.13 -31.41
CA SER B 176 16.80 4.04 -32.35
C SER B 176 16.85 4.56 -33.77
N VAL B 177 16.66 5.87 -33.90
CA VAL B 177 16.84 6.57 -35.15
C VAL B 177 17.38 7.99 -34.86
N THR B 178 18.58 8.26 -35.35
CA THR B 178 19.28 9.51 -35.04
C THR B 178 18.57 10.74 -35.62
N SER B 179 18.39 10.78 -36.93
CA SER B 179 17.59 11.83 -37.56
C SER B 179 16.12 11.47 -37.40
N PRO B 180 15.30 12.44 -36.97
CA PRO B 180 13.90 12.20 -36.63
C PRO B 180 13.06 11.67 -37.80
N LEU B 181 12.15 10.75 -37.48
CA LEU B 181 11.10 10.30 -38.38
C LEU B 181 10.08 11.41 -38.48
N THR B 182 9.59 11.68 -39.69
CA THR B 182 8.57 12.71 -39.90
C THR B 182 7.54 12.22 -40.90
N VAL B 183 6.27 12.32 -40.51
CA VAL B 183 5.19 11.97 -41.39
C VAL B 183 4.40 13.23 -41.74
N GLU B 184 3.65 13.20 -42.85
CA GLU B 184 3.00 14.39 -43.39
C GLU B 184 1.49 14.22 -43.58
N TRP B 185 0.77 15.32 -43.47
CA TRP B 185 -0.67 15.32 -43.76
C TRP B 185 -1.13 16.65 -44.33
N ARG B 186 -1.43 16.62 -45.63
CA ARG B 186 -1.96 17.77 -46.35
C ARG B 186 -3.49 17.77 -46.33
N ALA B 187 -4.07 18.93 -46.00
CA ALA B 187 -5.51 19.05 -45.80
C ALA B 187 -6.30 18.89 -47.08
N GLN C 1 27.14 -15.67 -18.61
CA GLN C 1 26.39 -16.59 -19.48
C GLN C 1 24.99 -17.02 -18.91
N HIS C 2 24.97 -17.53 -17.69
CA HIS C 2 23.72 -17.91 -17.03
C HIS C 2 23.20 -16.77 -16.17
N ILE C 3 21.88 -16.70 -16.05
CA ILE C 3 21.20 -15.77 -15.17
C ILE C 3 21.16 -16.33 -13.78
N ARG C 4 21.89 -15.72 -12.86
CA ARG C 4 21.91 -16.18 -11.47
C ARG C 4 20.67 -15.79 -10.72
N CYS C 5 20.19 -16.67 -9.85
CA CYS C 5 18.93 -16.44 -9.15
C CYS C 5 19.12 -16.29 -7.63
N ASN C 6 18.60 -15.18 -7.07
CA ASN C 6 18.64 -14.93 -5.62
C ASN C 6 17.68 -15.84 -4.82
N ILE C 7 18.15 -16.32 -3.68
CA ILE C 7 17.48 -17.35 -2.88
C ILE C 7 16.92 -16.72 -1.63
N PRO C 8 15.61 -16.89 -1.40
CA PRO C 8 14.92 -16.41 -0.21
C PRO C 8 15.37 -17.21 0.97
N LYS C 9 15.54 -16.59 2.13
CA LYS C 9 15.86 -17.28 3.36
C LYS C 9 14.62 -18.02 3.73
N ARG C 10 14.78 -19.17 4.37
CA ARG C 10 13.64 -19.88 4.93
C ARG C 10 13.35 -19.14 6.22
N ILE C 11 12.08 -18.84 6.45
CA ILE C 11 11.68 -18.23 7.72
C ILE C 11 11.87 -19.20 8.90
N SER C 12 12.55 -18.71 9.93
CA SER C 12 12.72 -19.46 11.15
C SER C 12 11.34 -19.97 11.54
N ALA C 13 11.29 -21.22 12.01
CA ALA C 13 10.00 -21.85 12.36
C ALA C 13 9.41 -21.47 13.75
N GLU D 1 -20.73 -6.46 5.49
CA GLU D 1 -20.78 -5.08 5.96
C GLU D 1 -21.94 -4.27 5.36
N GLU D 2 -22.20 -3.09 5.93
CA GLU D 2 -23.28 -2.22 5.46
C GLU D 2 -22.86 -0.76 5.15
N HIS D 3 -22.50 0.01 6.17
CA HIS D 3 -22.14 1.41 5.93
C HIS D 3 -20.79 1.79 6.53
N VAL D 4 -20.09 2.71 5.85
CA VAL D 4 -18.78 3.20 6.30
C VAL D 4 -18.67 4.72 6.25
N ILE D 5 -18.57 5.31 7.44
CA ILE D 5 -18.37 6.75 7.61
C ILE D 5 -16.93 7.04 8.04
N ILE D 6 -16.24 7.81 7.21
CA ILE D 6 -14.84 8.09 7.46
C ILE D 6 -14.61 9.57 7.58
N GLN D 7 -13.81 9.93 8.56
CA GLN D 7 -13.36 11.31 8.75
C GLN D 7 -11.91 11.43 8.33
N ALA D 8 -11.72 11.90 7.12
CA ALA D 8 -10.40 11.93 6.53
C ALA D 8 -9.87 13.34 6.44
N GLU D 9 -8.73 13.58 7.07
CA GLU D 9 -8.09 14.89 7.09
C GLU D 9 -6.60 14.74 6.77
N PHE D 10 -5.90 15.84 6.53
CA PHE D 10 -4.46 15.80 6.22
C PHE D 10 -3.79 17.17 6.22
N TYR D 11 -2.48 17.19 6.36
CA TYR D 11 -1.76 18.44 6.22
C TYR D 11 -0.47 18.24 5.44
N LEU D 12 -0.38 18.93 4.32
CA LEU D 12 0.72 18.78 3.36
C LEU D 12 1.72 19.94 3.47
N ASN D 13 2.97 19.60 3.79
CA ASN D 13 4.09 20.56 3.71
C ASN D 13 4.77 20.36 2.35
N PRO D 14 5.45 21.40 1.85
CA PRO D 14 5.59 22.72 2.44
C PRO D 14 4.50 23.68 1.96
N ASP D 15 3.50 23.16 1.25
CA ASP D 15 2.40 23.97 0.72
C ASP D 15 1.56 24.57 1.83
N GLN D 16 1.53 23.86 2.95
CA GLN D 16 0.83 24.33 4.14
C GLN D 16 -0.65 24.44 3.89
N SER D 17 -1.17 23.46 3.16
CA SER D 17 -2.61 23.41 2.91
C SER D 17 -3.22 22.20 3.61
N GLY D 18 -4.36 22.40 4.26
CA GLY D 18 -5.04 21.32 4.96
C GLY D 18 -6.41 21.07 4.38
N GLU D 19 -7.01 19.96 4.78
CA GLU D 19 -8.38 19.66 4.43
C GLU D 19 -8.97 18.76 5.50
N PHE D 20 -10.26 18.95 5.78
CA PHE D 20 -11.03 18.09 6.67
C PHE D 20 -12.34 17.75 5.96
N MET D 21 -12.75 16.48 5.99
CA MET D 21 -14.01 16.07 5.37
C MET D 21 -14.61 14.77 5.91
N PHE D 22 -15.93 14.62 5.72
CA PHE D 22 -16.65 13.41 6.10
C PHE D 22 -17.11 12.62 4.87
N ASP D 23 -16.80 11.31 4.85
CA ASP D 23 -17.14 10.46 3.72
C ASP D 23 -18.14 9.40 4.11
N PHE D 24 -19.26 9.43 3.41
CA PHE D 24 -20.29 8.41 3.58
C PHE D 24 -20.40 7.54 2.32
N ASP D 25 -19.94 6.28 2.45
CA ASP D 25 -20.05 5.29 1.36
C ASP D 25 -19.54 5.80 0.01
N GLY D 26 -18.47 6.59 0.06
CA GLY D 26 -17.94 7.14 -1.15
C GLY D 26 -18.25 8.62 -1.31
N ASP D 27 -19.48 9.03 -1.00
CA ASP D 27 -19.82 10.42 -1.18
C ASP D 27 -19.43 11.33 -0.03
N GLU D 28 -19.11 12.57 -0.37
CA GLU D 28 -18.77 13.61 0.61
C GLU D 28 -20.01 14.13 1.36
N ILE D 29 -19.94 14.10 2.69
CA ILE D 29 -21.00 14.70 3.50
C ILE D 29 -20.70 16.19 3.52
N PHE D 30 -19.49 16.52 3.96
CA PHE D 30 -19.05 17.90 3.97
C PHE D 30 -17.55 17.99 4.09
N HIS D 31 -17.03 19.21 3.98
CA HIS D 31 -15.65 19.49 4.32
C HIS D 31 -15.61 20.82 5.03
N VAL D 32 -14.42 21.33 5.29
CA VAL D 32 -14.31 22.58 6.01
C VAL D 32 -13.40 23.49 5.21
N ASP D 33 -13.93 24.64 4.77
CA ASP D 33 -13.10 25.63 4.10
C ASP D 33 -12.17 26.22 5.12
N MET D 34 -10.91 25.88 5.01
CA MET D 34 -10.00 26.21 6.08
C MET D 34 -9.86 27.71 6.27
N ALA D 35 -9.88 28.43 5.16
CA ALA D 35 -9.65 29.88 5.17
C ALA D 35 -10.82 30.62 5.78
N LYS D 36 -12.00 30.42 5.19
CA LYS D 36 -13.24 31.05 5.64
C LYS D 36 -13.78 30.47 6.93
N LYS D 37 -13.09 29.47 7.48
CA LYS D 37 -13.55 28.76 8.67
C LYS D 37 -15.03 28.41 8.58
N GLU D 38 -15.43 27.79 7.48
CA GLU D 38 -16.81 27.38 7.26
C GLU D 38 -16.98 25.88 7.10
N THR D 39 -18.03 25.35 7.70
CA THR D 39 -18.49 24.02 7.35
C THR D 39 -19.20 24.16 6.01
N VAL D 40 -19.06 23.18 5.12
CA VAL D 40 -19.61 23.33 3.79
C VAL D 40 -20.16 21.99 3.30
N TRP D 41 -21.49 21.90 3.27
CA TRP D 41 -22.14 20.66 2.93
C TRP D 41 -22.06 20.36 1.44
N ARG D 42 -21.82 19.09 1.12
CA ARG D 42 -21.73 18.63 -0.26
C ARG D 42 -23.06 18.88 -0.99
N LEU D 43 -24.14 18.97 -0.23
CA LEU D 43 -25.40 19.45 -0.77
C LEU D 43 -26.03 20.45 0.21
N GLU D 44 -26.40 21.65 -0.27
CA GLU D 44 -27.01 22.65 0.63
C GLU D 44 -27.88 21.98 1.68
N GLU D 45 -28.83 21.19 1.19
CA GLU D 45 -29.88 20.61 2.01
C GLU D 45 -29.46 19.76 3.23
N PHE D 46 -28.18 19.49 3.37
CA PHE D 46 -27.75 18.74 4.54
C PHE D 46 -27.83 19.68 5.70
N GLY D 47 -27.76 20.97 5.41
CA GLY D 47 -27.73 21.98 6.43
C GLY D 47 -28.91 21.83 7.38
N ARG D 48 -30.09 21.55 6.85
CA ARG D 48 -31.23 21.47 7.74
C ARG D 48 -31.14 20.39 8.79
N PHE D 49 -30.60 19.23 8.46
CA PHE D 49 -30.71 18.09 9.38
C PHE D 49 -29.51 17.87 10.31
N ALA D 50 -28.43 18.62 10.12
CA ALA D 50 -27.27 18.46 10.98
C ALA D 50 -26.36 19.67 10.93
N SER D 51 -25.43 19.71 11.86
CA SER D 51 -24.58 20.86 12.01
C SER D 51 -23.20 20.48 12.43
N PHE D 52 -22.20 21.24 11.97
CA PHE D 52 -20.82 21.01 12.37
C PHE D 52 -20.08 22.23 12.87
N GLU D 53 -19.32 22.04 13.95
CA GLU D 53 -18.54 23.10 14.56
C GLU D 53 -17.24 23.33 13.79
N ALA D 54 -17.26 24.27 12.83
CA ALA D 54 -16.11 24.44 11.93
C ALA D 54 -14.78 24.60 12.65
N GLN D 55 -14.78 25.28 13.79
CA GLN D 55 -13.51 25.50 14.48
C GLN D 55 -12.83 24.17 14.77
N GLY D 56 -13.62 23.16 15.16
CA GLY D 56 -13.10 21.84 15.54
C GLY D 56 -12.15 21.23 14.52
N ALA D 57 -12.51 21.36 13.25
CA ALA D 57 -11.70 20.87 12.14
C ALA D 57 -10.37 21.57 12.09
N LEU D 58 -10.34 22.84 12.45
CA LEU D 58 -9.09 23.57 12.49
C LEU D 58 -8.19 22.97 13.57
N ALA D 59 -8.65 22.94 14.82
CA ALA D 59 -7.83 22.43 15.92
C ALA D 59 -7.29 21.02 15.66
N ASN D 60 -7.93 20.31 14.73
CA ASN D 60 -7.48 18.97 14.34
C ASN D 60 -6.30 19.09 13.40
N ILE D 61 -6.52 19.80 12.31
CA ILE D 61 -5.50 20.02 11.32
C ILE D 61 -4.25 20.55 11.99
N ALA D 62 -4.43 21.44 12.96
CA ALA D 62 -3.29 22.05 13.63
C ALA D 62 -2.46 21.04 14.44
N VAL D 63 -3.10 19.93 14.82
CA VAL D 63 -2.39 18.81 15.43
C VAL D 63 -1.64 18.00 14.35
N ASP D 64 -2.29 17.81 13.21
CA ASP D 64 -1.73 17.04 12.13
C ASP D 64 -0.50 17.73 11.59
N LYS D 65 -0.49 19.05 11.67
CA LYS D 65 0.72 19.81 11.36
C LYS D 65 1.82 19.39 12.36
N ALA D 66 1.51 19.47 13.64
CA ALA D 66 2.51 19.18 14.67
C ALA D 66 3.01 17.75 14.54
N ASN D 67 2.09 16.84 14.23
CA ASN D 67 2.42 15.47 13.90
C ASN D 67 3.36 15.40 12.69
N LEU D 68 2.88 15.93 11.55
CA LEU D 68 3.66 16.00 10.32
C LEU D 68 5.10 16.30 10.62
N GLU D 69 5.36 17.44 11.26
CA GLU D 69 6.73 17.84 11.58
C GLU D 69 7.54 16.78 12.33
N ILE D 70 6.98 16.20 13.38
CA ILE D 70 7.70 15.20 14.13
C ILE D 70 7.84 13.89 13.35
N MET D 71 6.86 13.60 12.50
CA MET D 71 6.92 12.38 11.69
C MET D 71 7.92 12.48 10.54
N THR D 72 8.08 13.67 9.97
CA THR D 72 9.03 13.81 8.89
C THR D 72 10.40 13.55 9.45
N LYS D 73 10.69 14.19 10.58
CA LYS D 73 12.03 14.09 11.18
C LYS D 73 12.31 12.69 11.76
N ARG D 74 11.27 11.90 11.92
CA ARG D 74 11.48 10.55 12.42
C ARG D 74 11.67 9.59 11.25
N SER D 75 11.92 10.13 10.07
CA SER D 75 12.11 9.30 8.89
C SER D 75 13.14 9.86 7.88
N ASN D 76 14.28 10.32 8.40
CA ASN D 76 15.33 10.92 7.61
C ASN D 76 14.82 11.99 6.63
N TYR D 77 13.56 12.36 6.78
CA TYR D 77 12.93 13.34 5.92
C TYR D 77 12.70 12.79 4.52
N THR D 78 12.37 11.50 4.44
CA THR D 78 12.11 10.88 3.13
C THR D 78 10.79 11.38 2.50
N PRO D 79 10.86 11.93 1.27
CA PRO D 79 9.75 12.56 0.55
C PRO D 79 8.69 11.57 0.09
N ILE D 80 7.52 12.08 -0.29
CA ILE D 80 6.41 11.21 -0.67
C ILE D 80 6.54 10.88 -2.13
N THR D 81 6.39 9.60 -2.45
CA THR D 81 6.50 9.18 -3.83
C THR D 81 5.20 9.50 -4.58
N ASN D 82 5.32 10.32 -5.64
CA ASN D 82 4.18 10.74 -6.45
C ASN D 82 3.51 9.55 -7.08
N VAL D 83 2.19 9.53 -7.09
CA VAL D 83 1.48 8.64 -7.98
C VAL D 83 0.67 9.54 -8.86
N PRO D 84 0.82 9.37 -10.17
CA PRO D 84 0.14 10.29 -11.04
C PRO D 84 -1.30 9.83 -11.15
N PRO D 85 -2.20 10.74 -11.50
CA PRO D 85 -3.66 10.58 -11.64
C PRO D 85 -4.07 9.87 -12.90
N GLU D 86 -5.04 8.98 -12.86
CA GLU D 86 -5.67 8.61 -14.10
C GLU D 86 -6.95 9.41 -14.24
N VAL D 87 -7.22 9.93 -15.44
CA VAL D 87 -8.33 10.85 -15.64
C VAL D 87 -9.39 10.33 -16.59
N THR D 88 -10.66 10.45 -16.18
CA THR D 88 -11.78 9.96 -16.98
C THR D 88 -12.84 11.05 -17.17
N VAL D 89 -13.24 11.31 -18.41
CA VAL D 89 -14.22 12.35 -18.69
C VAL D 89 -15.52 11.77 -19.21
N LEU D 90 -16.64 12.24 -18.65
CA LEU D 90 -17.97 11.68 -18.93
C LEU D 90 -19.10 12.71 -18.69
N THR D 91 -20.26 12.45 -19.28
CA THR D 91 -21.40 13.31 -19.06
C THR D 91 -22.35 12.66 -18.08
N ASN D 92 -22.85 13.45 -17.14
CA ASN D 92 -23.66 12.93 -16.03
C ASN D 92 -24.98 12.20 -16.43
N SER D 93 -25.36 12.39 -17.69
CA SER D 93 -26.51 11.71 -18.28
C SER D 93 -26.35 11.64 -19.79
N PRO D 94 -27.06 10.69 -20.45
CA PRO D 94 -27.00 10.61 -21.92
C PRO D 94 -27.00 12.00 -22.53
N VAL D 95 -26.40 12.14 -23.71
CA VAL D 95 -26.26 13.46 -24.29
C VAL D 95 -27.26 13.74 -25.40
N GLU D 96 -27.82 14.94 -25.35
CA GLU D 96 -28.82 15.42 -26.28
C GLU D 96 -28.27 16.72 -26.84
N LEU D 97 -28.53 17.01 -28.11
CA LEU D 97 -27.84 18.11 -28.76
C LEU D 97 -28.15 19.47 -28.14
N ARG D 98 -29.40 19.75 -27.83
CA ARG D 98 -29.69 20.98 -27.11
C ARG D 98 -30.57 20.65 -25.94
N GLU D 99 -29.96 19.92 -25.01
CA GLU D 99 -30.40 19.74 -23.65
C GLU D 99 -29.21 20.28 -22.89
N PRO D 100 -29.44 20.92 -21.75
CA PRO D 100 -28.26 21.33 -21.00
C PRO D 100 -27.70 20.12 -20.27
N ASN D 101 -26.39 19.87 -20.36
CA ASN D 101 -25.79 18.75 -19.65
C ASN D 101 -24.61 19.21 -18.81
N VAL D 102 -23.92 18.24 -18.20
CA VAL D 102 -22.79 18.55 -17.34
C VAL D 102 -21.65 17.56 -17.49
N LEU D 103 -20.46 18.11 -17.71
CA LEU D 103 -19.25 17.33 -17.87
C LEU D 103 -18.56 17.06 -16.53
N ILE D 104 -18.25 15.78 -16.31
CA ILE D 104 -17.52 15.34 -15.13
C ILE D 104 -16.08 14.95 -15.47
N CYS D 105 -15.10 15.65 -14.91
CA CYS D 105 -13.73 15.20 -15.03
C CYS D 105 -13.30 14.50 -13.73
N PHE D 106 -13.21 13.18 -13.77
CA PHE D 106 -13.00 12.38 -12.59
C PHE D 106 -11.55 11.95 -12.36
N ILE D 107 -10.80 12.74 -11.61
CA ILE D 107 -9.40 12.43 -11.30
C ILE D 107 -9.23 11.39 -10.19
N ASP D 108 -8.53 10.31 -10.49
CA ASP D 108 -8.60 9.11 -9.67
C ASP D 108 -7.21 8.54 -9.32
N LYS D 109 -7.10 7.91 -8.15
CA LYS D 109 -5.89 7.17 -7.77
C LYS D 109 -4.57 7.96 -7.88
N PHE D 110 -4.38 8.91 -6.98
CA PHE D 110 -3.18 9.73 -7.02
C PHE D 110 -2.75 10.28 -5.67
N THR D 111 -1.52 10.77 -5.60
CA THR D 111 -1.04 11.45 -4.43
C THR D 111 0.20 12.13 -4.94
N PRO D 112 0.72 13.13 -4.22
CA PRO D 112 0.03 13.83 -3.14
C PRO D 112 -1.17 14.61 -3.69
N PRO D 113 -2.14 14.96 -2.82
CA PRO D 113 -3.34 15.66 -3.27
C PRO D 113 -3.06 17.12 -3.60
N VAL D 114 -2.64 17.38 -4.83
CA VAL D 114 -2.59 18.74 -5.37
C VAL D 114 -2.70 18.59 -6.88
N VAL D 115 -3.62 19.31 -7.50
CA VAL D 115 -3.72 19.31 -8.97
C VAL D 115 -4.03 20.69 -9.54
N ASN D 116 -3.56 20.95 -10.75
CA ASN D 116 -3.78 22.23 -11.40
C ASN D 116 -4.73 21.94 -12.56
N VAL D 117 -6.03 21.82 -12.26
CA VAL D 117 -6.99 21.42 -13.29
C VAL D 117 -7.58 22.57 -14.12
N THR D 118 -7.86 22.31 -15.39
CA THR D 118 -8.39 23.32 -16.31
C THR D 118 -9.43 22.70 -17.21
N TRP D 119 -10.44 23.48 -17.58
CA TRP D 119 -11.38 23.03 -18.60
C TRP D 119 -11.02 23.79 -19.87
N LEU D 120 -11.24 23.15 -21.02
CA LEU D 120 -10.86 23.74 -22.32
C LEU D 120 -11.92 23.58 -23.42
N ARG D 121 -12.58 24.67 -23.77
CA ARG D 121 -13.60 24.64 -24.80
C ARG D 121 -12.98 25.04 -26.13
N ASN D 122 -12.99 24.09 -27.07
CA ASN D 122 -12.41 24.30 -28.37
C ASN D 122 -10.93 24.68 -28.25
N GLY D 123 -10.37 24.57 -27.05
CA GLY D 123 -8.97 24.87 -26.83
C GLY D 123 -8.76 26.09 -25.95
N LYS D 124 -9.85 26.73 -25.56
CA LYS D 124 -9.74 27.94 -24.74
C LYS D 124 -10.32 27.73 -23.35
N PRO D 125 -9.59 28.20 -22.33
CA PRO D 125 -9.90 27.92 -20.92
C PRO D 125 -11.30 28.38 -20.57
N VAL D 126 -12.09 27.53 -19.95
CA VAL D 126 -13.44 27.89 -19.50
C VAL D 126 -13.48 28.18 -18.00
N THR D 127 -14.36 29.09 -17.59
CA THR D 127 -14.50 29.52 -16.19
C THR D 127 -15.98 29.70 -15.80
N THR D 128 -16.86 29.55 -16.77
CA THR D 128 -18.29 29.84 -16.60
C THR D 128 -19.08 28.71 -15.92
N GLY D 129 -19.21 28.81 -14.60
CA GLY D 129 -20.12 27.94 -13.87
C GLY D 129 -19.56 26.60 -13.45
N VAL D 130 -18.23 26.53 -13.39
CA VAL D 130 -17.55 25.31 -12.99
C VAL D 130 -17.55 25.15 -11.50
N SER D 131 -17.76 23.91 -11.06
CA SER D 131 -17.72 23.54 -9.67
C SER D 131 -16.66 22.46 -9.57
N GLU D 132 -15.98 22.40 -8.44
CA GLU D 132 -14.99 21.36 -8.28
C GLU D 132 -15.08 20.78 -6.88
N THR D 133 -15.09 19.46 -6.77
CA THR D 133 -14.99 18.83 -5.46
C THR D 133 -13.61 18.99 -4.82
N VAL D 134 -13.61 18.81 -3.51
CA VAL D 134 -12.40 18.78 -2.71
C VAL D 134 -11.79 17.38 -2.86
N PHE D 135 -10.59 17.19 -2.31
CA PHE D 135 -9.93 15.88 -2.29
C PHE D 135 -10.68 14.85 -1.45
N LEU D 136 -10.95 13.69 -2.07
CA LEU D 136 -11.69 12.60 -1.46
C LEU D 136 -10.81 11.37 -1.29
N PRO D 137 -11.07 10.57 -0.26
CA PRO D 137 -10.15 9.52 0.17
C PRO D 137 -10.55 8.12 -0.32
N ARG D 138 -9.55 7.34 -0.79
CA ARG D 138 -9.74 5.98 -1.29
C ARG D 138 -9.26 4.98 -0.25
N GLU D 139 -9.59 3.71 -0.45
CA GLU D 139 -9.23 2.66 0.51
C GLU D 139 -7.73 2.41 0.57
N ASP D 140 -7.07 2.65 -0.56
CA ASP D 140 -5.62 2.45 -0.67
C ASP D 140 -4.88 3.73 -0.26
N HIS D 141 -5.64 4.72 0.16
CA HIS D 141 -5.09 5.98 0.67
C HIS D 141 -4.61 6.93 -0.42
N LEU D 142 -4.96 6.62 -1.67
CA LEU D 142 -4.80 7.55 -2.78
C LEU D 142 -6.05 8.39 -2.93
N PHE D 143 -5.98 9.44 -3.74
CA PHE D 143 -7.02 10.46 -3.73
C PHE D 143 -7.93 10.46 -4.96
N ARG D 144 -9.12 11.05 -4.80
CA ARG D 144 -10.04 11.30 -5.91
C ARG D 144 -10.43 12.75 -5.88
N LYS D 145 -10.93 13.24 -7.02
CA LYS D 145 -11.40 14.61 -7.10
C LYS D 145 -12.26 14.66 -8.35
N PHE D 146 -13.34 15.42 -8.33
CA PHE D 146 -14.18 15.60 -9.52
C PHE D 146 -14.14 17.06 -9.99
N HIS D 147 -14.59 17.30 -11.20
CA HIS D 147 -14.79 18.66 -11.65
C HIS D 147 -15.98 18.64 -12.55
N TYR D 148 -16.59 19.80 -12.68
CA TYR D 148 -17.86 19.86 -13.35
C TYR D 148 -17.93 21.10 -14.23
N LEU D 149 -18.35 20.87 -15.46
CA LEU D 149 -18.60 21.98 -16.36
C LEU D 149 -20.02 21.83 -16.89
N PRO D 150 -20.89 22.80 -16.57
CA PRO D 150 -22.19 22.78 -17.25
C PRO D 150 -21.99 23.38 -18.65
N PHE D 151 -22.57 22.71 -19.65
CA PHE D 151 -22.38 23.12 -21.04
C PHE D 151 -23.64 22.87 -21.88
N LEU D 152 -23.73 23.56 -23.01
CA LEU D 152 -24.77 23.23 -23.99
C LEU D 152 -24.16 22.37 -25.09
N PRO D 153 -24.56 21.08 -25.13
CA PRO D 153 -24.06 20.22 -26.21
C PRO D 153 -24.28 20.87 -27.57
N SER D 154 -23.22 21.06 -28.35
CA SER D 154 -23.36 21.48 -29.74
C SER D 154 -22.48 20.60 -30.64
N THR D 155 -22.81 20.56 -31.93
CA THR D 155 -22.03 19.77 -32.90
C THR D 155 -20.71 20.44 -33.27
N GLU D 156 -20.57 21.70 -32.84
CA GLU D 156 -19.35 22.49 -33.11
C GLU D 156 -18.62 22.87 -31.82
N ASP D 157 -18.50 21.91 -30.91
CA ASP D 157 -17.84 22.14 -29.63
C ASP D 157 -17.07 20.90 -29.15
N VAL D 158 -15.80 21.10 -28.81
CA VAL D 158 -14.95 20.03 -28.32
C VAL D 158 -14.28 20.47 -27.02
N TYR D 159 -14.56 19.72 -25.96
CA TYR D 159 -14.07 20.12 -24.64
C TYR D 159 -12.93 19.19 -24.20
N ASP D 160 -12.01 19.69 -23.37
CA ASP D 160 -10.94 18.88 -22.76
C ASP D 160 -10.72 19.23 -21.29
N CYS D 161 -10.28 18.26 -20.51
CA CYS D 161 -10.00 18.52 -19.11
C CYS D 161 -8.49 18.43 -18.89
N ARG D 162 -7.85 19.53 -18.51
CA ARG D 162 -6.39 19.55 -18.45
C ARG D 162 -5.80 19.36 -17.06
N VAL D 163 -5.60 18.12 -16.67
CA VAL D 163 -5.04 17.83 -15.36
C VAL D 163 -3.51 17.95 -15.36
N GLU D 164 -2.98 18.66 -14.36
CA GLU D 164 -1.55 18.63 -14.10
C GLU D 164 -1.31 17.83 -12.82
N HIS D 165 -0.06 17.49 -12.56
CA HIS D 165 0.33 16.78 -11.34
C HIS D 165 1.83 16.49 -11.40
N TRP D 166 2.46 16.37 -10.24
CA TRP D 166 3.91 16.15 -10.21
C TRP D 166 4.33 14.70 -10.41
N GLY D 167 3.40 13.87 -10.85
CA GLY D 167 3.71 12.50 -11.22
C GLY D 167 3.74 12.38 -12.74
N LEU D 168 3.04 13.30 -13.40
CA LEU D 168 2.93 13.31 -14.86
C LEU D 168 4.14 13.93 -15.55
N ASP D 169 4.62 13.29 -16.61
CA ASP D 169 5.69 13.83 -17.43
C ASP D 169 5.27 15.16 -18.04
N GLU D 170 4.14 15.10 -18.75
CA GLU D 170 3.51 16.28 -19.35
C GLU D 170 2.01 16.27 -18.98
N PRO D 171 1.46 17.46 -18.73
CA PRO D 171 0.03 17.69 -18.51
C PRO D 171 -0.88 16.81 -19.38
N LEU D 172 -1.75 16.07 -18.71
CA LEU D 172 -2.67 15.14 -19.38
C LEU D 172 -4.00 15.79 -19.79
N LEU D 173 -4.46 15.48 -21.00
CA LEU D 173 -5.76 15.95 -21.48
C LEU D 173 -6.71 14.81 -21.79
N LYS D 174 -7.92 14.88 -21.25
CA LYS D 174 -8.94 13.91 -21.60
C LYS D 174 -9.96 14.63 -22.45
N HIS D 175 -10.10 14.19 -23.69
CA HIS D 175 -10.95 14.92 -24.63
C HIS D 175 -12.28 14.21 -24.87
N TRP D 176 -13.36 14.92 -24.56
CA TRP D 176 -14.69 14.51 -24.94
C TRP D 176 -15.28 15.51 -25.93
N GLU D 177 -15.83 14.98 -27.02
CA GLU D 177 -16.59 15.75 -28.01
C GLU D 177 -17.75 14.85 -28.46
N PHE D 178 -18.78 15.42 -29.05
CA PHE D 178 -19.85 14.59 -29.57
C PHE D 178 -19.47 14.07 -30.96
N ARG E 1 10.01 19.94 -6.33
CA ARG E 1 10.16 20.17 -4.89
C ARG E 1 9.57 19.04 -4.03
N PRO E 2 10.20 18.74 -2.87
CA PRO E 2 9.91 17.56 -2.07
C PRO E 2 8.67 17.70 -1.18
N ARG E 3 7.76 16.74 -1.24
CA ARG E 3 6.51 16.84 -0.46
C ARG E 3 6.42 15.85 0.73
N PHE E 4 5.75 16.29 1.79
CA PHE E 4 5.54 15.51 3.02
C PHE E 4 4.06 15.58 3.43
N LEU E 5 3.50 14.42 3.79
CA LEU E 5 2.07 14.34 4.05
C LEU E 5 1.77 13.61 5.34
N GLU E 6 1.13 14.32 6.26
CA GLU E 6 0.49 13.70 7.42
C GLU E 6 -0.98 13.48 7.13
N LEU E 7 -1.51 12.37 7.63
CA LEU E 7 -2.79 11.94 7.17
C LEU E 7 -3.47 11.16 8.28
N LEU E 8 -4.77 11.41 8.47
CA LEU E 8 -5.52 10.74 9.52
C LEU E 8 -6.94 10.42 9.07
N LYS E 9 -7.29 9.14 9.14
CA LYS E 9 -8.64 8.72 8.79
C LYS E 9 -9.27 8.12 10.04
N SER E 10 -10.50 8.54 10.31
CA SER E 10 -11.23 8.03 11.45
C SER E 10 -12.44 7.29 10.91
N GLU E 11 -12.36 5.97 11.06
CA GLU E 11 -13.30 5.05 10.42
C GLU E 11 -14.37 4.49 11.35
N CYS E 12 -15.61 4.57 10.86
CA CYS E 12 -16.74 4.00 11.57
C CYS E 12 -17.39 2.93 10.69
N HIS E 13 -17.33 1.67 11.14
CA HIS E 13 -17.89 0.59 10.36
C HIS E 13 -19.14 0.01 10.98
N PHE E 14 -20.26 0.09 10.24
CA PHE E 14 -21.58 -0.30 10.76
C PHE E 14 -22.11 -1.60 10.13
N PHE E 15 -22.37 -2.59 10.98
CA PHE E 15 -22.90 -3.88 10.53
C PHE E 15 -24.31 -4.09 11.10
N ASN E 16 -25.25 -4.53 10.25
CA ASN E 16 -26.63 -4.70 10.70
C ASN E 16 -27.11 -3.40 11.34
N GLY E 17 -27.32 -2.36 10.54
CA GLY E 17 -27.73 -1.09 11.10
C GLY E 17 -26.65 -0.52 11.98
N THR E 18 -26.80 -0.60 13.31
CA THR E 18 -25.73 -0.23 14.24
C THR E 18 -25.57 -1.24 15.38
N GLU E 19 -25.94 -2.48 15.09
CA GLU E 19 -25.80 -3.62 16.00
C GLU E 19 -24.33 -3.84 16.35
N ARG E 20 -23.53 -4.07 15.31
CA ARG E 20 -22.08 -4.22 15.37
C ARG E 20 -21.41 -2.98 14.76
N VAL E 21 -20.67 -2.24 15.59
CA VAL E 21 -19.90 -1.09 15.11
C VAL E 21 -18.44 -1.33 15.45
N ARG E 22 -17.58 -0.83 14.56
CA ARG E 22 -16.13 -0.98 14.68
C ARG E 22 -15.41 0.27 14.19
N PHE E 23 -14.44 0.69 14.97
CA PHE E 23 -13.87 2.03 14.89
C PHE E 23 -12.35 1.99 14.68
N LEU E 24 -11.88 2.67 13.64
CA LEU E 24 -10.47 2.69 13.34
C LEU E 24 -9.92 4.11 13.29
N GLU E 25 -8.92 4.38 14.13
CA GLU E 25 -8.20 5.62 14.03
C GLU E 25 -6.85 5.33 13.38
N ARG E 26 -6.60 5.90 12.20
CA ARG E 26 -5.45 5.50 11.40
C ARG E 26 -4.59 6.69 11.08
N TYR E 27 -3.32 6.59 11.43
CA TYR E 27 -2.33 7.65 11.18
C TYR E 27 -1.34 7.30 10.07
N PHE E 28 -1.34 8.06 8.98
CA PHE E 28 -0.39 7.81 7.91
C PHE E 28 0.67 8.91 7.78
N HIS E 29 1.76 8.55 7.12
CA HIS E 29 2.77 9.50 6.70
C HIS E 29 3.17 9.07 5.29
N ASN E 30 2.76 9.81 4.26
CA ASN E 30 3.22 9.50 2.92
C ASN E 30 2.82 8.10 2.47
N GLN E 31 1.53 7.77 2.55
CA GLN E 31 1.04 6.44 2.20
C GLN E 31 1.56 5.29 3.09
N GLU E 32 1.91 5.61 4.33
CA GLU E 32 2.34 4.59 5.27
C GLU E 32 1.70 4.66 6.67
N GLU E 33 0.72 3.81 6.92
CA GLU E 33 0.09 3.74 8.24
C GLU E 33 1.05 3.27 9.29
N PHE E 34 1.37 4.07 10.29
CA PHE E 34 2.33 3.60 11.27
C PHE E 34 1.75 3.17 12.60
N VAL E 35 0.54 3.63 12.89
CA VAL E 35 -0.16 3.29 14.13
C VAL E 35 -1.67 3.57 14.01
N ARG E 36 -2.46 2.66 14.55
CA ARG E 36 -3.90 2.79 14.52
C ARG E 36 -4.50 2.38 15.87
N PHE E 37 -5.70 2.88 16.14
CA PHE E 37 -6.47 2.33 17.24
C PHE E 37 -7.63 1.58 16.65
N ASP E 38 -7.77 0.32 17.07
CA ASP E 38 -8.87 -0.54 16.62
C ASP E 38 -9.81 -0.84 17.79
N SER E 39 -11.03 -0.31 17.71
CA SER E 39 -12.05 -0.55 18.73
C SER E 39 -12.19 -2.05 19.06
N ASP E 40 -11.92 -2.89 18.05
CA ASP E 40 -11.95 -4.35 18.21
C ASP E 40 -10.77 -4.85 19.02
N VAL E 41 -9.82 -3.96 19.32
CA VAL E 41 -8.57 -4.38 19.94
C VAL E 41 -8.39 -3.81 21.33
N GLY E 42 -8.82 -2.57 21.52
CA GLY E 42 -8.73 -1.98 22.83
C GLY E 42 -7.61 -1.00 23.05
N GLU E 43 -6.41 -1.31 22.58
CA GLU E 43 -5.31 -0.36 22.72
C GLU E 43 -4.71 0.07 21.38
N TYR E 44 -3.84 1.07 21.43
CA TYR E 44 -3.15 1.54 20.24
C TYR E 44 -2.17 0.48 19.82
N ARG E 45 -2.24 0.08 18.55
CA ARG E 45 -1.32 -0.92 18.02
C ARG E 45 -0.45 -0.32 16.94
N ALA E 46 0.85 -0.64 16.95
CA ALA E 46 1.80 -0.13 15.95
C ALA E 46 1.77 -0.97 14.67
N VAL E 47 1.68 -0.32 13.51
CA VAL E 47 1.59 -1.03 12.23
C VAL E 47 2.94 -1.27 11.60
N THR E 48 3.85 -0.32 11.73
CA THR E 48 5.20 -0.48 11.25
C THR E 48 6.08 -0.11 12.40
N GLU E 49 7.30 -0.63 12.42
CA GLU E 49 8.23 -0.37 13.52
C GLU E 49 8.51 1.14 13.69
N LEU E 50 7.99 1.94 12.78
CA LEU E 50 8.13 3.39 12.90
C LEU E 50 7.15 3.96 13.93
N GLY E 51 6.04 3.24 14.13
CA GLY E 51 5.00 3.68 15.05
C GLY E 51 5.03 2.92 16.36
N ARG E 52 6.02 2.07 16.57
CA ARG E 52 6.05 1.27 17.79
C ARG E 52 6.34 2.09 19.04
N PRO E 53 7.18 3.13 18.92
CA PRO E 53 7.49 3.95 20.10
C PRO E 53 6.35 4.92 20.43
N VAL E 54 5.57 5.26 19.41
CA VAL E 54 4.36 6.06 19.56
C VAL E 54 3.27 5.28 20.29
N ALA E 55 2.93 4.09 19.82
CA ALA E 55 1.89 3.30 20.48
C ALA E 55 2.25 2.81 21.89
N GLU E 56 3.53 2.81 22.24
CA GLU E 56 3.94 2.43 23.59
C GLU E 56 3.83 3.61 24.53
N SER E 57 3.99 4.81 23.98
CA SER E 57 3.77 6.04 24.73
C SER E 57 2.29 6.27 25.00
N TRP E 58 1.47 5.95 24.00
CA TRP E 58 0.06 6.25 24.06
C TRP E 58 -0.73 5.32 24.97
N ASN E 59 -0.29 4.09 25.14
CA ASN E 59 -1.06 3.16 25.96
C ASN E 59 -0.64 3.26 27.42
N SER E 60 0.38 4.09 27.67
CA SER E 60 0.83 4.35 29.03
C SER E 60 -0.17 5.27 29.73
N GLN E 61 -0.64 6.26 29.00
CA GLN E 61 -1.71 7.16 29.44
C GLN E 61 -3.04 6.38 29.43
N LYS E 62 -3.43 5.87 30.59
CA LYS E 62 -4.63 5.05 30.71
C LYS E 62 -5.92 5.89 30.54
N ASP E 63 -5.79 7.20 30.74
CA ASP E 63 -6.90 8.12 30.50
C ASP E 63 -7.35 8.08 29.04
N LEU E 64 -6.38 8.28 28.15
CA LEU E 64 -6.52 8.23 26.69
C LEU E 64 -7.29 7.00 26.20
N LEU E 65 -6.88 5.84 26.70
CA LEU E 65 -7.49 4.60 26.27
C LEU E 65 -9.00 4.63 26.52
N GLU E 66 -9.37 4.66 27.79
CA GLU E 66 -10.77 4.62 28.19
C GLU E 66 -11.61 5.43 27.25
N GLN E 67 -11.10 6.61 26.93
CA GLN E 67 -11.83 7.60 26.14
C GLN E 67 -11.99 7.19 24.70
N LYS E 68 -10.87 6.81 24.09
CA LYS E 68 -10.85 6.35 22.72
C LYS E 68 -11.77 5.14 22.61
N ARG E 69 -11.81 4.33 23.67
CA ARG E 69 -12.58 3.10 23.64
C ARG E 69 -14.02 3.39 23.25
N GLY E 70 -14.59 4.39 23.90
CA GLY E 70 -15.99 4.72 23.68
C GLY E 70 -16.31 5.61 22.49
N GLN E 71 -15.50 5.57 21.44
CA GLN E 71 -15.85 6.30 20.23
C GLN E 71 -16.87 5.54 19.42
N VAL E 72 -16.82 4.23 19.50
CA VAL E 72 -17.80 3.38 18.82
C VAL E 72 -19.21 3.80 19.18
N ASP E 73 -19.37 4.30 20.41
CA ASP E 73 -20.63 4.81 20.95
C ASP E 73 -20.75 6.34 20.75
N ASN E 74 -19.88 7.08 21.44
CA ASN E 74 -19.84 8.55 21.43
C ASN E 74 -19.68 9.16 20.05
N TYR E 75 -18.96 8.49 19.17
CA TYR E 75 -18.52 9.06 17.90
C TYR E 75 -19.24 8.42 16.75
N CYS E 76 -19.26 7.11 16.77
CA CYS E 76 -19.73 6.35 15.64
C CYS E 76 -21.24 6.28 15.58
N ARG E 77 -21.86 5.66 16.59
CA ARG E 77 -23.30 5.54 16.61
C ARG E 77 -23.94 6.93 16.55
N HIS E 78 -23.34 7.83 17.33
CA HIS E 78 -23.77 9.21 17.38
C HIS E 78 -23.90 9.91 16.02
N ASN E 79 -22.84 9.80 15.22
CA ASN E 79 -22.79 10.44 13.89
C ASN E 79 -23.72 9.76 12.91
N TYR E 80 -23.85 8.44 13.05
CA TYR E 80 -24.80 7.66 12.27
C TYR E 80 -26.19 8.23 12.50
N GLY E 81 -26.57 8.26 13.78
CA GLY E 81 -27.88 8.75 14.17
C GLY E 81 -28.19 10.11 13.56
N VAL E 82 -27.23 11.02 13.68
CA VAL E 82 -27.41 12.36 13.16
C VAL E 82 -27.75 12.34 11.68
N VAL E 83 -26.92 11.64 10.90
CA VAL E 83 -26.93 11.74 9.44
C VAL E 83 -27.72 10.65 8.70
N GLU E 84 -28.10 9.59 9.41
CA GLU E 84 -28.87 8.53 8.79
C GLU E 84 -30.09 9.15 8.11
N SER E 85 -30.55 10.22 8.71
CA SER E 85 -31.73 10.92 8.26
C SER E 85 -31.71 11.30 6.74
N PHE E 86 -30.52 11.42 6.13
CA PHE E 86 -30.39 11.97 4.77
C PHE E 86 -29.28 11.31 3.96
N THR E 87 -28.70 10.26 4.53
CA THR E 87 -27.67 9.50 3.86
C THR E 87 -28.13 8.07 3.70
N VAL E 88 -28.23 7.35 4.81
CA VAL E 88 -28.75 5.99 4.79
C VAL E 88 -30.09 5.96 4.08
N GLN E 89 -31.01 6.77 4.55
CA GLN E 89 -32.38 6.75 4.04
C GLN E 89 -32.54 7.66 2.83
N ARG E 90 -31.48 7.75 2.04
CA ARG E 90 -31.56 8.58 0.84
C ARG E 90 -31.83 7.69 -0.36
N ARG E 91 -32.95 7.93 -1.05
CA ARG E 91 -33.24 7.23 -2.29
C ARG E 91 -33.61 8.22 -3.37
N VAL E 92 -32.81 8.30 -4.42
CA VAL E 92 -33.22 9.03 -5.62
C VAL E 92 -33.38 8.00 -6.73
N HIS E 93 -34.55 7.87 -7.30
CA HIS E 93 -34.72 6.79 -8.28
C HIS E 93 -34.22 7.14 -9.70
N PRO E 94 -33.72 6.12 -10.40
CA PRO E 94 -33.02 6.20 -11.67
C PRO E 94 -33.75 6.96 -12.75
N GLN E 95 -32.99 7.43 -13.74
CA GLN E 95 -33.54 8.06 -14.91
C GLN E 95 -33.15 7.22 -16.12
N VAL E 96 -34.01 6.29 -16.52
CA VAL E 96 -33.64 5.32 -17.56
C VAL E 96 -34.03 5.70 -18.98
N THR E 97 -33.11 5.51 -19.91
CA THR E 97 -33.36 5.81 -21.32
C THR E 97 -32.61 4.83 -22.22
N VAL E 98 -33.31 4.24 -23.17
CA VAL E 98 -32.66 3.30 -24.07
C VAL E 98 -32.45 3.91 -25.44
N TYR E 99 -31.34 3.54 -26.07
CA TYR E 99 -30.98 4.07 -27.37
C TYR E 99 -29.78 3.32 -27.94
N PRO E 100 -29.73 3.17 -29.27
CA PRO E 100 -28.61 2.45 -29.86
C PRO E 100 -27.48 3.40 -30.19
N ALA E 101 -26.25 3.06 -29.81
CA ALA E 101 -25.10 3.84 -30.25
C ALA E 101 -24.96 3.70 -31.77
N LYS E 102 -24.30 4.68 -32.37
CA LYS E 102 -24.06 4.64 -33.81
C LYS E 102 -22.57 4.52 -34.13
N LEU E 111 -25.86 -0.86 -32.08
CA LEU E 111 -25.84 -1.81 -30.96
C LEU E 111 -26.24 -1.17 -29.60
N LEU E 112 -27.14 -1.84 -28.86
CA LEU E 112 -28.08 -1.19 -27.90
C LEU E 112 -27.60 -0.81 -26.51
N VAL E 113 -27.78 0.47 -26.17
CA VAL E 113 -27.42 0.99 -24.84
C VAL E 113 -28.62 1.06 -23.91
N CYS E 114 -28.39 0.83 -22.63
CA CYS E 114 -29.39 1.17 -21.64
C CYS E 114 -28.77 2.09 -20.62
N SER E 115 -29.17 3.36 -20.62
CA SER E 115 -28.54 4.37 -19.78
C SER E 115 -29.34 4.80 -18.55
N VAL E 116 -29.14 4.10 -17.45
CA VAL E 116 -29.63 4.52 -16.14
C VAL E 116 -28.75 5.64 -15.59
N SER E 117 -29.33 6.76 -15.15
CA SER E 117 -28.52 7.85 -14.55
C SER E 117 -29.11 8.51 -13.28
N GLY E 118 -28.28 9.30 -12.60
CA GLY E 118 -28.66 10.00 -11.37
C GLY E 118 -29.45 9.29 -10.29
N PHE E 119 -28.93 8.18 -9.75
CA PHE E 119 -29.64 7.40 -8.73
C PHE E 119 -28.82 7.19 -7.47
N TYR E 120 -29.49 6.89 -6.36
CA TYR E 120 -28.84 6.59 -5.09
C TYR E 120 -29.74 5.57 -4.38
N PRO E 121 -29.16 4.62 -3.63
CA PRO E 121 -27.73 4.38 -3.42
C PRO E 121 -27.13 3.52 -4.54
N GLY E 122 -25.93 3.00 -4.32
CA GLY E 122 -25.19 2.28 -5.36
C GLY E 122 -25.91 1.04 -5.87
N SER E 123 -26.15 0.09 -4.98
CA SER E 123 -26.76 -1.17 -5.37
C SER E 123 -27.86 -0.98 -6.40
N ILE E 124 -27.67 -1.59 -7.56
CA ILE E 124 -28.68 -1.56 -8.61
C ILE E 124 -28.57 -2.83 -9.47
N GLU E 125 -29.66 -3.15 -10.16
CA GLU E 125 -29.78 -4.40 -10.85
C GLU E 125 -30.37 -4.13 -12.22
N VAL E 126 -29.59 -4.25 -13.28
CA VAL E 126 -30.12 -4.06 -14.62
C VAL E 126 -30.12 -5.39 -15.35
N ARG E 127 -31.19 -5.66 -16.10
CA ARG E 127 -31.24 -6.86 -16.94
C ARG E 127 -31.81 -6.54 -18.31
N TRP E 128 -31.25 -7.16 -19.34
CA TRP E 128 -31.75 -7.01 -20.69
C TRP E 128 -32.63 -8.21 -21.01
N PHE E 129 -33.63 -7.97 -21.85
CA PHE E 129 -34.61 -8.98 -22.24
C PHE E 129 -34.87 -8.92 -23.73
N ARG E 130 -35.01 -10.08 -24.35
CA ARG E 130 -35.38 -10.14 -25.75
C ARG E 130 -36.66 -10.94 -25.91
N ASN E 131 -37.72 -10.23 -26.28
CA ASN E 131 -39.03 -10.83 -26.49
C ASN E 131 -39.51 -11.54 -25.25
N GLY E 132 -39.28 -10.91 -24.10
CA GLY E 132 -39.71 -11.44 -22.82
C GLY E 132 -38.76 -12.50 -22.29
N GLN E 133 -37.67 -12.73 -23.02
CA GLN E 133 -36.63 -13.68 -22.61
C GLN E 133 -35.38 -12.94 -22.15
N GLU E 134 -34.87 -13.33 -20.98
CA GLU E 134 -33.67 -12.69 -20.44
C GLU E 134 -32.44 -13.02 -21.28
N GLU E 135 -31.87 -12.00 -21.92
CA GLU E 135 -30.59 -12.11 -22.59
C GLU E 135 -29.49 -12.20 -21.53
N LYS E 136 -28.62 -13.21 -21.66
CA LYS E 136 -27.48 -13.33 -20.76
C LYS E 136 -26.15 -13.36 -21.49
N THR E 137 -26.18 -13.42 -22.82
CA THR E 137 -24.94 -13.44 -23.61
C THR E 137 -24.30 -12.05 -23.79
N GLY E 138 -24.91 -11.22 -24.62
CA GLY E 138 -24.27 -9.98 -25.05
C GLY E 138 -24.26 -8.87 -24.03
N VAL E 139 -24.28 -9.19 -22.75
CA VAL E 139 -24.36 -8.16 -21.72
C VAL E 139 -23.00 -7.55 -21.38
N VAL E 140 -22.78 -6.31 -21.80
CA VAL E 140 -21.52 -5.62 -21.50
C VAL E 140 -21.70 -4.28 -20.80
N SER E 141 -21.48 -4.32 -19.49
CA SER E 141 -21.78 -3.23 -18.57
C SER E 141 -20.55 -2.37 -18.31
N THR E 142 -20.77 -1.08 -18.06
CA THR E 142 -19.68 -0.22 -17.63
C THR E 142 -19.56 -0.22 -16.10
N GLY E 143 -20.42 -1.00 -15.44
CA GLY E 143 -20.40 -1.12 -14.00
C GLY E 143 -20.86 0.13 -13.29
N LEU E 144 -20.86 0.12 -11.97
CA LEU E 144 -21.35 1.26 -11.17
C LEU E 144 -20.43 2.47 -11.11
N ILE E 145 -20.79 3.54 -11.80
CA ILE E 145 -19.97 4.75 -11.85
C ILE E 145 -20.40 5.77 -10.80
N HIS E 146 -19.44 6.41 -10.15
CA HIS E 146 -19.75 7.41 -9.13
C HIS E 146 -19.76 8.79 -9.76
N ASN E 147 -20.84 9.54 -9.58
CA ASN E 147 -20.94 10.88 -10.18
C ASN E 147 -20.30 11.92 -9.29
N GLY E 148 -20.14 11.57 -8.01
CA GLY E 148 -19.43 12.38 -7.06
C GLY E 148 -20.32 13.27 -6.22
N ASP E 149 -21.56 13.44 -6.70
CA ASP E 149 -22.52 14.32 -6.05
C ASP E 149 -23.73 13.54 -5.57
N TRP E 150 -23.46 12.44 -4.86
CA TRP E 150 -24.52 11.63 -4.28
C TRP E 150 -25.44 11.07 -5.36
N THR E 151 -24.94 10.96 -6.57
CA THR E 151 -25.65 10.26 -7.64
C THR E 151 -24.72 9.29 -8.37
N PHE E 152 -25.31 8.23 -8.90
CA PHE E 152 -24.60 7.21 -9.66
C PHE E 152 -25.18 7.13 -11.05
N GLN E 153 -24.37 6.78 -12.03
CA GLN E 153 -24.85 6.54 -13.38
C GLN E 153 -24.22 5.23 -13.86
N THR E 154 -24.96 4.40 -14.57
CA THR E 154 -24.37 3.18 -15.12
C THR E 154 -24.93 2.94 -16.52
N LEU E 155 -24.15 2.34 -17.42
CA LEU E 155 -24.68 2.00 -18.75
C LEU E 155 -24.47 0.51 -19.01
N VAL E 156 -25.37 -0.11 -19.76
CA VAL E 156 -25.30 -1.55 -20.03
C VAL E 156 -25.57 -1.92 -21.50
N MET E 157 -24.55 -1.92 -22.36
CA MET E 157 -24.81 -2.24 -23.77
C MET E 157 -25.27 -3.70 -23.95
N LEU E 158 -26.13 -3.94 -24.93
CA LEU E 158 -26.51 -5.29 -25.35
C LEU E 158 -26.00 -5.54 -26.76
N GLU E 159 -25.21 -6.60 -26.89
CA GLU E 159 -24.58 -6.97 -28.14
C GLU E 159 -25.56 -7.66 -29.07
N THR E 160 -26.43 -6.89 -29.70
CA THR E 160 -27.32 -7.47 -30.69
C THR E 160 -27.48 -6.58 -31.90
N VAL E 161 -27.23 -7.19 -33.06
CA VAL E 161 -27.68 -6.68 -34.35
C VAL E 161 -28.97 -7.49 -34.61
N PRO E 162 -30.13 -6.78 -34.68
CA PRO E 162 -31.47 -7.37 -34.59
C PRO E 162 -32.28 -7.54 -35.89
N ARG E 163 -33.52 -8.01 -35.72
CA ARG E 163 -34.48 -8.22 -36.81
C ARG E 163 -35.81 -7.45 -36.55
N SER E 164 -36.47 -7.01 -37.62
CA SER E 164 -37.67 -6.17 -37.50
C SER E 164 -38.85 -6.87 -36.81
N GLY E 165 -39.40 -6.21 -35.79
CA GLY E 165 -40.57 -6.72 -35.10
C GLY E 165 -40.25 -7.27 -33.73
N GLU E 166 -38.98 -7.25 -33.37
CA GLU E 166 -38.54 -7.75 -32.07
C GLU E 166 -38.67 -6.67 -31.00
N VAL E 167 -38.96 -7.11 -29.77
CA VAL E 167 -38.99 -6.17 -28.66
C VAL E 167 -37.90 -6.44 -27.62
N TYR E 168 -37.07 -5.43 -27.39
CA TYR E 168 -36.05 -5.47 -26.35
C TYR E 168 -36.50 -4.64 -25.17
N THR E 169 -36.31 -5.19 -23.98
CA THR E 169 -36.73 -4.52 -22.75
C THR E 169 -35.58 -4.47 -21.75
N CYS E 170 -35.25 -3.26 -21.29
CA CYS E 170 -34.26 -3.09 -20.23
C CYS E 170 -35.01 -3.07 -18.90
N GLN E 171 -34.59 -3.89 -17.95
CA GLN E 171 -35.36 -3.98 -16.72
C GLN E 171 -34.59 -3.57 -15.45
N VAL E 172 -34.77 -2.33 -15.01
CA VAL E 172 -34.06 -1.82 -13.84
C VAL E 172 -34.80 -2.13 -12.55
N GLU E 173 -34.07 -2.55 -11.52
CA GLU E 173 -34.59 -2.66 -10.17
C GLU E 173 -33.71 -1.86 -9.23
N HIS E 174 -34.30 -1.28 -8.20
CA HIS E 174 -33.57 -0.38 -7.34
C HIS E 174 -34.37 -0.22 -6.06
N PRO E 175 -33.68 -0.04 -4.92
CA PRO E 175 -34.34 0.11 -3.61
C PRO E 175 -35.11 1.44 -3.42
N SER E 176 -35.57 2.04 -4.52
CA SER E 176 -36.26 3.32 -4.49
C SER E 176 -37.54 3.25 -5.32
N VAL E 177 -37.77 2.10 -5.94
CA VAL E 177 -39.01 1.82 -6.66
C VAL E 177 -39.32 0.33 -6.53
N THR E 178 -40.44 0.01 -5.89
CA THR E 178 -40.78 -1.38 -5.58
C THR E 178 -41.03 -2.25 -6.83
N SER E 179 -41.99 -1.85 -7.66
CA SER E 179 -42.18 -2.51 -8.95
C SER E 179 -41.17 -1.98 -9.95
N PRO E 180 -40.50 -2.89 -10.68
CA PRO E 180 -39.39 -2.52 -11.56
C PRO E 180 -39.75 -1.52 -12.66
N LEU E 181 -38.83 -0.60 -12.91
CA LEU E 181 -38.87 0.27 -14.08
C LEU E 181 -38.52 -0.56 -15.31
N THR E 182 -39.26 -0.36 -16.39
CA THR E 182 -39.01 -1.08 -17.63
C THR E 182 -39.14 -0.14 -18.81
N VAL E 183 -38.12 -0.14 -19.67
CA VAL E 183 -38.14 0.65 -20.89
C VAL E 183 -38.13 -0.31 -22.08
N GLU E 184 -38.59 0.18 -23.24
CA GLU E 184 -38.84 -0.67 -24.39
C GLU E 184 -38.09 -0.21 -25.64
N TRP E 185 -37.79 -1.15 -26.53
CA TRP E 185 -37.21 -0.80 -27.82
C TRP E 185 -37.62 -1.79 -28.91
N ARG E 186 -38.45 -1.30 -29.83
CA ARG E 186 -38.93 -2.07 -30.96
C ARG E 186 -38.03 -1.80 -32.16
N ALA E 187 -37.63 -2.89 -32.82
CA ALA E 187 -36.65 -2.83 -33.91
C ALA E 187 -37.19 -2.15 -35.16
N GLN F 1 -27.92 15.66 16.80
CA GLN F 1 -28.08 16.93 16.11
C GLN F 1 -26.76 17.43 15.45
N HIS F 2 -25.70 17.53 16.24
CA HIS F 2 -24.40 17.96 15.71
C HIS F 2 -23.57 16.74 15.34
N ILE F 3 -22.71 16.94 14.33
CA ILE F 3 -21.74 15.93 13.90
C ILE F 3 -20.52 16.02 14.77
N ARG F 4 -20.29 15.00 15.58
CA ARG F 4 -19.14 14.98 16.50
C ARG F 4 -17.85 14.63 15.77
N CYS F 5 -16.76 15.29 16.15
CA CYS F 5 -15.51 15.12 15.44
C CYS F 5 -14.45 14.45 16.32
N ASN F 6 -13.81 13.39 15.80
CA ASN F 6 -12.72 12.67 16.47
C ASN F 6 -11.41 13.47 16.43
N ILE F 7 -10.71 13.48 17.57
CA ILE F 7 -9.51 14.27 17.79
C ILE F 7 -8.24 13.40 17.74
N PRO F 8 -7.29 13.75 16.86
CA PRO F 8 -6.00 13.08 16.76
C PRO F 8 -5.19 13.35 17.99
N LYS F 9 -4.46 12.37 18.50
CA LYS F 9 -3.56 12.54 19.65
C LYS F 9 -2.40 13.38 19.15
N ARG F 10 -1.87 14.21 20.02
CA ARG F 10 -0.66 14.93 19.68
C ARG F 10 0.43 13.91 19.82
N ILE F 11 1.31 13.84 18.82
CA ILE F 11 2.48 12.97 18.93
C ILE F 11 3.43 13.45 20.05
N SER F 12 3.78 12.53 20.94
CA SER F 12 4.76 12.80 21.96
C SER F 12 5.95 13.45 21.29
N ALA F 13 6.56 14.43 21.93
CA ALA F 13 7.68 15.20 21.29
C ALA F 13 9.09 14.52 21.42
N GLN G 1 -26.75 19.11 26.39
CA GLN G 1 -26.87 20.54 26.15
C GLN G 1 -27.31 21.32 27.40
N SER G 2 -28.23 20.76 28.21
CA SER G 2 -28.82 21.47 29.36
C SER G 2 -28.82 20.71 30.71
N VAL G 3 -28.39 21.37 31.79
CA VAL G 3 -28.38 20.74 33.12
C VAL G 3 -29.08 21.60 34.18
N THR G 4 -29.55 20.94 35.24
CA THR G 4 -30.42 21.58 36.24
C THR G 4 -30.20 21.02 37.66
N GLN G 5 -29.78 21.84 38.61
CA GLN G 5 -29.65 21.30 39.96
C GLN G 5 -30.84 21.69 40.80
N PRO G 6 -31.62 20.70 41.31
CA PRO G 6 -32.90 21.01 41.96
C PRO G 6 -32.81 21.60 43.37
N ASP G 7 -31.86 21.12 44.19
CA ASP G 7 -31.66 21.68 45.52
C ASP G 7 -30.85 22.95 45.40
N ILE G 8 -31.27 24.00 46.10
CA ILE G 8 -30.62 25.32 46.06
C ILE G 8 -29.69 25.50 47.23
N HIS G 9 -30.06 24.92 48.37
CA HIS G 9 -29.24 24.97 49.58
C HIS G 9 -29.49 23.73 50.40
N ILE G 10 -28.45 22.93 50.56
CA ILE G 10 -28.53 21.73 51.35
C ILE G 10 -27.68 21.88 52.61
N THR G 11 -28.35 21.74 53.76
CA THR G 11 -27.68 21.70 55.06
C THR G 11 -27.64 20.26 55.55
N VAL G 12 -26.62 19.94 56.33
CA VAL G 12 -26.45 18.56 56.79
C VAL G 12 -25.38 18.48 57.88
N SER G 13 -25.38 17.36 58.61
CA SER G 13 -24.55 17.19 59.81
C SER G 13 -23.17 16.70 59.42
N GLU G 14 -22.19 17.07 60.23
CA GLU G 14 -20.83 16.58 60.06
C GLU G 14 -20.77 15.10 60.37
N GLY G 15 -20.32 14.32 59.41
CA GLY G 15 -20.25 12.89 59.56
C GLY G 15 -21.37 12.16 58.85
N ALA G 16 -22.42 12.91 58.48
CA ALA G 16 -23.56 12.32 57.78
C ALA G 16 -23.20 11.86 56.36
N SER G 17 -24.22 11.56 55.55
CA SER G 17 -23.99 11.20 54.16
C SER G 17 -24.47 12.30 53.21
N LEU G 18 -23.82 12.44 52.06
CA LEU G 18 -24.15 13.52 51.12
C LEU G 18 -24.68 13.00 49.79
N GLU G 19 -25.61 13.75 49.20
CA GLU G 19 -26.09 13.51 47.86
C GLU G 19 -26.69 14.78 47.29
N LEU G 20 -25.82 15.61 46.72
CA LEU G 20 -26.27 16.74 45.93
C LEU G 20 -26.76 16.16 44.63
N ARG G 21 -27.99 16.46 44.25
CA ARG G 21 -28.50 15.85 43.03
C ARG G 21 -28.45 16.81 41.86
N CYS G 22 -28.48 16.23 40.66
CA CYS G 22 -28.38 16.94 39.41
C CYS G 22 -29.00 16.12 38.30
N ASN G 23 -29.80 16.77 37.45
CA ASN G 23 -30.41 16.09 36.31
C ASN G 23 -29.89 16.72 35.04
N TYR G 24 -30.03 16.02 33.91
CA TYR G 24 -29.53 16.54 32.62
C TYR G 24 -30.60 16.50 31.55
N SER G 25 -30.51 17.46 30.61
CA SER G 25 -31.41 17.54 29.47
C SER G 25 -31.22 16.24 28.75
N TYR G 26 -32.29 15.68 28.18
CA TYR G 26 -32.08 14.44 27.44
C TYR G 26 -30.78 14.58 26.60
N GLY G 27 -30.01 13.51 26.58
CA GLY G 27 -28.83 13.43 25.75
C GLY G 27 -28.53 11.95 25.74
N ALA G 28 -27.94 11.45 24.68
CA ALA G 28 -27.46 10.10 24.74
C ALA G 28 -25.96 10.24 24.68
N THR G 29 -25.28 9.60 25.63
CA THR G 29 -23.82 9.71 25.69
C THR G 29 -23.27 11.14 25.95
N PRO G 30 -23.89 11.91 26.85
CA PRO G 30 -23.37 13.25 27.13
C PRO G 30 -22.20 13.16 28.10
N TYR G 31 -21.35 14.18 28.17
CA TYR G 31 -20.19 14.17 29.09
C TYR G 31 -20.49 14.99 30.35
N LEU G 32 -20.42 14.39 31.53
CA LEU G 32 -20.86 15.11 32.73
C LEU G 32 -19.76 15.35 33.75
N PHE G 33 -19.79 16.51 34.41
CA PHE G 33 -18.81 16.84 35.43
C PHE G 33 -19.45 17.39 36.70
N TRP G 34 -18.77 17.19 37.83
CA TRP G 34 -19.14 17.85 39.09
C TRP G 34 -17.99 18.72 39.56
N TYR G 35 -18.22 20.02 39.65
CA TYR G 35 -17.22 20.96 40.18
C TYR G 35 -17.58 21.49 41.58
N VAL G 36 -16.57 21.89 42.35
CA VAL G 36 -16.82 22.49 43.65
C VAL G 36 -16.00 23.77 43.80
N GLN G 37 -16.58 24.77 44.45
CA GLN G 37 -15.97 26.09 44.58
C GLN G 37 -16.13 26.66 45.98
N SER G 38 -14.99 26.88 46.64
CA SER G 38 -14.96 27.60 47.91
C SER G 38 -15.04 29.11 47.63
N PRO G 39 -15.88 29.84 48.41
CA PRO G 39 -16.21 31.24 48.16
C PRO G 39 -15.03 32.15 47.83
N GLY G 40 -15.07 32.76 46.65
CA GLY G 40 -14.08 33.73 46.21
C GLY G 40 -13.08 33.23 45.18
N GLN G 41 -13.06 31.92 45.00
CA GLN G 41 -12.08 31.28 44.12
C GLN G 41 -12.70 30.56 42.91
N GLY G 42 -11.98 29.57 42.37
CA GLY G 42 -12.38 28.92 41.15
C GLY G 42 -12.92 27.54 41.43
N LEU G 43 -13.25 26.81 40.37
CA LEU G 43 -13.84 25.47 40.52
C LEU G 43 -12.82 24.37 40.33
N GLN G 44 -12.89 23.37 41.21
CA GLN G 44 -12.11 22.16 41.07
C GLN G 44 -13.01 21.14 40.39
N LEU G 45 -12.43 20.36 39.49
CA LEU G 45 -13.15 19.23 38.98
C LEU G 45 -13.13 18.19 40.08
N LEU G 46 -14.32 17.68 40.40
CA LEU G 46 -14.50 16.67 41.41
C LEU G 46 -14.46 15.31 40.74
N LEU G 47 -15.08 15.21 39.57
CA LEU G 47 -15.01 13.98 38.79
C LEU G 47 -15.81 14.15 37.51
N LYS G 48 -15.63 13.20 36.59
CA LYS G 48 -16.30 13.27 35.29
C LYS G 48 -16.93 11.95 34.82
N TYR G 49 -17.60 11.98 33.66
CA TYR G 49 -18.12 10.77 33.05
C TYR G 49 -18.49 10.87 31.56
N PHE G 50 -17.60 10.37 30.72
CA PHE G 50 -17.80 10.30 29.26
C PHE G 50 -18.65 9.11 28.82
N SER G 51 -18.22 7.93 29.24
CA SER G 51 -18.81 6.68 28.78
C SER G 51 -18.39 5.48 29.62
N GLY G 52 -19.03 4.36 29.38
CA GLY G 52 -18.65 3.10 29.99
C GLY G 52 -19.11 2.85 31.42
N ASP G 53 -18.20 3.05 32.36
CA ASP G 53 -18.48 2.71 33.75
C ASP G 53 -19.53 3.60 34.39
N THR G 54 -20.46 2.98 35.11
CA THR G 54 -21.63 3.68 35.59
C THR G 54 -21.40 4.51 36.85
N LEU G 55 -20.38 4.17 37.62
CA LEU G 55 -20.10 4.84 38.87
C LEU G 55 -18.63 5.24 38.92
N VAL G 56 -18.34 6.52 39.15
CA VAL G 56 -16.94 6.98 39.20
C VAL G 56 -16.57 7.67 40.52
N GLN G 57 -15.27 7.71 40.83
CA GLN G 57 -14.80 8.35 42.06
C GLN G 57 -14.14 9.68 41.78
N GLY G 58 -13.98 10.48 42.83
CA GLY G 58 -13.35 11.77 42.72
C GLY G 58 -12.38 12.08 43.87
N ILE G 59 -12.04 13.36 44.01
CA ILE G 59 -11.15 13.83 45.06
C ILE G 59 -11.88 14.07 46.38
N LYS G 60 -11.17 13.92 47.50
CA LYS G 60 -11.78 13.97 48.82
C LYS G 60 -12.96 13.01 48.88
N GLY G 61 -12.70 11.77 48.55
CA GLY G 61 -13.68 10.72 48.72
C GLY G 61 -15.06 11.01 48.17
N PHE G 62 -15.12 11.54 46.95
CA PHE G 62 -16.40 11.73 46.29
C PHE G 62 -16.76 10.62 45.31
N GLU G 63 -18.00 10.63 44.85
CA GLU G 63 -18.53 9.54 44.06
C GLU G 63 -19.70 10.07 43.25
N ALA G 64 -20.01 9.45 42.13
CA ALA G 64 -21.18 9.84 41.37
C ALA G 64 -21.68 8.69 40.52
N GLU G 65 -22.99 8.62 40.32
CA GLU G 65 -23.57 7.52 39.59
C GLU G 65 -24.31 8.04 38.36
N PHE G 66 -24.19 7.33 37.24
CA PHE G 66 -24.86 7.73 36.02
C PHE G 66 -25.99 6.78 35.69
N LYS G 67 -27.19 7.18 36.07
CA LYS G 67 -28.39 6.42 35.77
C LYS G 67 -29.00 6.87 34.46
N ARG G 68 -28.51 6.31 33.37
CA ARG G 68 -29.05 6.59 32.03
C ARG G 68 -30.54 6.77 32.00
N SER G 69 -31.21 5.81 32.62
CA SER G 69 -32.66 5.75 32.67
C SER G 69 -33.24 6.96 33.39
N GLN G 70 -32.60 7.30 34.51
CA GLN G 70 -33.01 8.33 35.45
C GLN G 70 -32.75 9.74 34.97
N SER G 71 -31.91 9.90 33.97
CA SER G 71 -31.33 11.20 33.67
C SER G 71 -30.82 11.93 34.90
N SER G 72 -29.96 11.28 35.67
CA SER G 72 -29.42 11.88 36.88
C SER G 72 -27.97 11.54 37.05
N PHE G 73 -27.21 12.49 37.57
CA PHE G 73 -25.81 12.32 37.84
C PHE G 73 -25.55 12.95 39.21
N ASN G 74 -25.79 12.19 40.27
CA ASN G 74 -25.80 12.73 41.64
C ASN G 74 -24.52 12.48 42.39
N LEU G 75 -24.11 13.48 43.15
CA LEU G 75 -22.79 13.47 43.77
C LEU G 75 -22.96 12.85 45.12
N ARG G 76 -21.95 12.16 45.60
CA ARG G 76 -22.07 11.47 46.88
C ARG G 76 -20.83 11.45 47.71
N LYS G 77 -21.06 11.39 49.00
CA LYS G 77 -20.01 11.13 49.96
C LYS G 77 -20.65 10.33 51.06
N PRO G 78 -19.91 9.38 51.63
CA PRO G 78 -20.60 8.57 52.64
C PRO G 78 -20.47 9.26 53.98
N SER G 79 -19.35 9.94 54.16
CA SER G 79 -19.04 10.65 55.40
C SER G 79 -18.57 12.06 55.07
N VAL G 80 -19.51 12.99 55.10
CA VAL G 80 -19.24 14.39 54.77
C VAL G 80 -18.17 14.93 55.72
N HIS G 81 -17.55 16.04 55.34
CA HIS G 81 -16.60 16.69 56.24
C HIS G 81 -16.82 18.18 56.32
N TRP G 82 -16.32 18.80 57.39
CA TRP G 82 -16.59 20.21 57.62
C TRP G 82 -16.00 21.05 56.50
N SER G 83 -14.85 20.59 56.00
CA SER G 83 -14.16 21.27 54.93
C SER G 83 -15.07 21.53 53.75
N ASP G 84 -15.92 20.55 53.45
CA ASP G 84 -16.71 20.50 52.22
C ASP G 84 -17.76 21.56 52.01
N ALA G 85 -17.89 22.51 52.92
CA ALA G 85 -18.93 23.47 52.70
C ALA G 85 -18.45 24.43 51.63
N ALA G 86 -18.99 24.26 50.44
CA ALA G 86 -18.80 25.22 49.38
C ALA G 86 -19.96 25.10 48.43
N GLU G 87 -19.93 25.86 47.34
CA GLU G 87 -20.94 25.72 46.32
C GLU G 87 -20.50 24.62 45.32
N TYR G 88 -21.42 23.72 45.01
CA TYR G 88 -21.16 22.63 44.11
C TYR G 88 -21.87 22.87 42.78
N PHE G 89 -21.18 22.63 41.67
CA PHE G 89 -21.80 22.79 40.36
C PHE G 89 -21.75 21.55 39.48
N CYS G 90 -22.83 21.34 38.77
CA CYS G 90 -23.02 20.17 37.95
C CYS G 90 -22.96 20.69 36.54
N ALA G 91 -22.29 19.99 35.66
CA ALA G 91 -22.10 20.57 34.34
C ALA G 91 -22.10 19.49 33.32
N VAL G 92 -22.62 19.83 32.15
CA VAL G 92 -22.75 18.83 31.12
C VAL G 92 -21.93 19.27 29.94
N GLY G 93 -21.26 18.29 29.33
CA GLY G 93 -20.46 18.49 28.13
C GLY G 93 -21.41 18.77 27.01
N ALA G 94 -21.21 19.90 26.37
CA ALA G 94 -22.25 20.36 25.50
C ALA G 94 -21.99 20.35 24.03
N SER G 95 -23.12 20.52 23.37
CA SER G 95 -23.77 19.43 22.64
C SER G 95 -22.96 19.15 21.43
N GLY G 96 -22.88 17.89 21.00
CA GLY G 96 -22.06 17.62 19.84
C GLY G 96 -21.05 18.76 19.78
N ASN G 97 -19.84 18.43 20.20
CA ASN G 97 -19.40 18.82 21.52
C ASN G 97 -18.11 19.60 21.47
N THR G 98 -17.90 20.38 22.51
CA THR G 98 -16.60 20.93 22.77
C THR G 98 -16.41 20.39 24.24
N GLY G 99 -15.50 20.91 25.07
CA GLY G 99 -14.93 22.23 25.03
C GLY G 99 -15.84 22.94 26.00
N LYS G 100 -16.75 23.71 25.45
CA LYS G 100 -17.75 24.36 26.27
C LYS G 100 -18.59 23.39 27.09
N LEU G 101 -18.72 23.80 28.35
CA LEU G 101 -19.46 23.11 29.37
C LEU G 101 -20.64 23.99 29.73
N ILE G 102 -21.73 23.35 30.08
CA ILE G 102 -22.89 24.06 30.54
C ILE G 102 -23.02 23.73 32.02
N PHE G 103 -23.29 24.75 32.83
CA PHE G 103 -23.41 24.54 34.26
C PHE G 103 -24.84 24.63 34.75
N GLY G 104 -25.12 23.83 35.76
CA GLY G 104 -26.34 23.96 36.51
C GLY G 104 -26.06 25.11 37.42
N GLN G 105 -27.13 25.76 37.82
CA GLN G 105 -27.11 26.93 38.70
C GLN G 105 -26.47 26.66 40.05
N GLY G 106 -26.22 25.39 40.30
CA GLY G 106 -25.41 25.06 41.45
C GLY G 106 -26.11 25.13 42.78
N THR G 107 -25.92 24.05 43.52
CA THR G 107 -26.49 23.94 44.82
C THR G 107 -25.34 24.10 45.81
N THR G 108 -25.51 25.07 46.71
CA THR G 108 -24.53 25.36 47.75
C THR G 108 -24.79 24.48 48.98
N LEU G 109 -23.79 24.29 49.83
CA LEU G 109 -23.93 23.34 50.93
C LEU G 109 -23.16 23.79 52.15
N GLN G 110 -23.85 23.88 53.29
CA GLN G 110 -23.21 24.19 54.58
C GLN G 110 -23.37 23.00 55.50
N VAL G 111 -22.42 22.80 56.39
CA VAL G 111 -22.42 21.65 57.27
C VAL G 111 -22.26 22.09 58.74
N LYS G 112 -23.05 21.49 59.65
CA LYS G 112 -22.96 21.82 61.09
C LYS G 112 -22.55 20.60 61.95
N PRO G 113 -21.89 20.83 63.09
CA PRO G 113 -21.45 19.83 64.09
C PRO G 113 -22.55 18.83 64.50
N GLY H 1 -2.60 26.94 38.06
CA GLY H 1 -2.19 26.77 36.68
C GLY H 1 -2.55 27.95 35.79
N ILE H 2 -3.77 28.47 35.95
CA ILE H 2 -4.16 29.68 35.26
C ILE H 2 -4.02 30.86 36.22
N THR H 3 -3.43 31.95 35.77
CA THR H 3 -3.34 33.12 36.63
C THR H 3 -4.14 34.30 36.03
N GLN H 4 -5.18 34.70 36.77
CA GLN H 4 -5.94 35.90 36.46
C GLN H 4 -5.49 36.99 37.39
N SER H 5 -5.56 38.22 36.90
CA SER H 5 -5.41 39.35 37.80
C SER H 5 -5.83 40.69 37.16
N PRO H 6 -5.93 41.73 38.01
CA PRO H 6 -5.80 41.48 39.44
C PRO H 6 -7.08 40.88 40.03
N LYS H 7 -6.98 40.27 41.21
CA LYS H 7 -8.10 39.54 41.77
C LYS H 7 -9.28 40.50 41.97
N TYR H 8 -9.02 41.70 42.44
CA TYR H 8 -10.12 42.64 42.65
C TYR H 8 -9.87 43.88 41.83
N LEU H 9 -10.83 44.21 40.97
CA LEU H 9 -10.65 45.37 40.11
C LEU H 9 -11.82 46.32 40.17
N PHE H 10 -11.99 47.09 41.25
CA PHE H 10 -13.04 48.13 41.31
C PHE H 10 -12.79 49.20 40.24
N ARG H 11 -13.85 49.61 39.57
CA ARG H 11 -13.71 50.49 38.40
C ARG H 11 -14.82 51.50 38.28
N LYS H 12 -14.46 52.65 37.71
CA LYS H 12 -15.42 53.73 37.45
C LYS H 12 -16.42 53.29 36.39
N GLU H 13 -17.44 54.11 36.16
CA GLU H 13 -18.44 53.83 35.14
C GLU H 13 -17.93 54.33 33.81
N GLY H 14 -18.46 53.78 32.72
CA GLY H 14 -18.01 54.16 31.39
C GLY H 14 -16.50 54.00 31.17
N GLN H 15 -15.93 53.03 31.86
CA GLN H 15 -14.51 52.72 31.82
C GLN H 15 -14.37 51.32 31.26
N ASN H 16 -13.39 51.13 30.39
CA ASN H 16 -13.24 49.84 29.75
C ASN H 16 -12.12 49.01 30.38
N VAL H 17 -12.42 48.44 31.55
CA VAL H 17 -11.47 47.56 32.22
C VAL H 17 -11.24 46.33 31.35
N THR H 18 -10.02 45.79 31.43
CA THR H 18 -9.67 44.57 30.70
C THR H 18 -9.00 43.53 31.61
N LEU H 19 -9.60 42.35 31.70
CA LEU H 19 -9.20 41.35 32.68
C LEU H 19 -8.19 40.41 32.06
N SER H 20 -7.03 40.28 32.68
CA SER H 20 -5.97 39.48 32.07
C SER H 20 -6.04 38.03 32.50
N CYS H 21 -5.72 37.15 31.55
CA CYS H 21 -5.72 35.72 31.77
C CYS H 21 -4.53 35.08 31.06
N GLU H 22 -3.66 34.45 31.84
CA GLU H 22 -2.48 33.78 31.31
C GLU H 22 -2.49 32.32 31.76
N GLN H 23 -1.94 31.44 30.91
CA GLN H 23 -1.80 30.02 31.26
C GLN H 23 -0.55 29.33 30.69
N ASN H 24 0.21 28.71 31.59
CA ASN H 24 1.35 27.89 31.25
C ASN H 24 1.02 26.42 31.50
N LEU H 25 -0.06 25.97 30.89
CA LEU H 25 -0.44 24.58 30.96
C LEU H 25 -0.42 24.07 29.52
N ASN H 26 -0.12 24.99 28.60
CA ASN H 26 -0.13 24.65 27.19
C ASN H 26 -1.46 24.02 26.79
N HIS H 27 -2.54 24.74 27.09
CA HIS H 27 -3.83 24.28 26.67
C HIS H 27 -4.26 24.97 25.39
N ASP H 28 -5.11 24.30 24.63
CA ASP H 28 -5.49 24.78 23.31
C ASP H 28 -6.66 25.73 23.36
N ALA H 29 -7.76 25.31 23.96
CA ALA H 29 -8.96 26.17 24.11
C ALA H 29 -8.99 26.99 25.42
N MET H 30 -9.64 28.15 25.37
CA MET H 30 -9.65 29.03 26.51
C MET H 30 -10.99 29.77 26.67
N TYR H 31 -11.48 29.85 27.91
CA TYR H 31 -12.83 30.32 28.13
C TYR H 31 -12.94 31.38 29.20
N TRP H 32 -13.98 32.21 29.05
CA TRP H 32 -14.46 33.13 30.08
C TRP H 32 -15.91 32.84 30.46
N TYR H 33 -16.14 32.78 31.76
CA TYR H 33 -17.47 32.60 32.31
C TYR H 33 -17.72 33.76 33.26
N ARG H 34 -18.99 34.17 33.41
CA ARG H 34 -19.32 35.03 34.55
C ARG H 34 -20.28 34.39 35.49
N GLN H 35 -19.87 34.33 36.74
CA GLN H 35 -20.71 33.78 37.80
C GLN H 35 -21.51 34.89 38.48
N ASP H 36 -22.81 34.94 38.21
CA ASP H 36 -23.72 35.80 38.96
C ASP H 36 -24.35 34.92 40.03
N PRO H 37 -24.36 35.39 41.29
CA PRO H 37 -24.76 34.58 42.45
C PRO H 37 -26.12 33.89 42.28
N GLY H 38 -26.21 32.63 42.74
CA GLY H 38 -27.46 31.90 42.65
C GLY H 38 -27.64 31.20 41.31
N GLN H 39 -27.11 31.80 40.27
CA GLN H 39 -27.09 31.16 38.95
C GLN H 39 -25.72 30.56 38.67
N GLY H 40 -25.65 29.70 37.67
CA GLY H 40 -24.40 29.04 37.39
C GLY H 40 -23.39 30.00 36.81
N LEU H 41 -22.37 29.45 36.17
CA LEU H 41 -21.48 30.26 35.38
C LEU H 41 -22.12 30.33 34.01
N ARG H 42 -22.13 31.53 33.44
CA ARG H 42 -22.65 31.72 32.10
C ARG H 42 -21.48 32.04 31.17
N LEU H 43 -21.50 31.42 29.99
CA LEU H 43 -20.38 31.56 29.04
C LEU H 43 -20.34 32.92 28.35
N ILE H 44 -19.18 33.58 28.39
CA ILE H 44 -19.06 34.90 27.76
C ILE H 44 -18.45 34.82 26.37
N TYR H 45 -17.23 34.29 26.30
CA TYR H 45 -16.50 34.11 25.03
C TYR H 45 -15.55 32.94 25.21
N TYR H 46 -15.22 32.25 24.12
CA TYR H 46 -14.19 31.25 24.23
C TYR H 46 -13.49 31.09 22.90
N SER H 47 -12.20 30.75 22.95
CA SER H 47 -11.38 30.59 21.76
C SER H 47 -10.79 29.17 21.69
N GLN H 48 -11.12 28.47 20.62
CA GLN H 48 -10.71 27.06 20.42
C GLN H 48 -9.26 26.90 19.85
N ILE H 49 -8.84 27.82 18.98
CA ILE H 49 -7.47 27.95 18.47
C ILE H 49 -7.04 29.40 18.42
N VAL H 50 -5.72 29.59 18.38
CA VAL H 50 -5.17 30.94 18.29
C VAL H 50 -5.83 31.77 17.17
N ASN H 51 -6.15 33.02 17.48
CA ASN H 51 -6.71 33.97 16.53
C ASN H 51 -8.14 33.75 16.08
N ASP H 52 -8.78 32.70 16.57
CA ASP H 52 -10.22 32.60 16.44
C ASP H 52 -10.90 32.62 17.80
N PHE H 53 -12.15 33.04 17.82
CA PHE H 53 -12.90 33.17 19.05
C PHE H 53 -14.37 33.39 18.73
N GLN H 54 -15.23 32.76 19.51
CA GLN H 54 -16.67 32.78 19.25
C GLN H 54 -17.51 33.15 20.51
N LYS H 55 -18.65 33.80 20.26
CA LYS H 55 -19.53 34.28 21.31
C LYS H 55 -20.16 33.15 22.12
N GLY H 56 -20.23 33.35 23.44
CA GLY H 56 -21.01 32.49 24.31
C GLY H 56 -22.41 33.09 24.47
N ASP H 57 -23.11 32.74 25.54
CA ASP H 57 -24.48 33.21 25.72
C ASP H 57 -24.54 34.74 25.97
N ILE H 58 -23.90 35.20 27.03
CA ILE H 58 -23.95 36.60 27.42
C ILE H 58 -22.78 37.39 26.86
N ALA H 59 -22.71 37.53 25.55
CA ALA H 59 -21.53 38.13 24.96
C ALA H 59 -21.65 39.60 24.63
N GLU H 60 -22.82 40.17 24.94
CA GLU H 60 -23.10 41.58 24.62
C GLU H 60 -22.25 42.48 25.50
N GLY H 61 -21.40 43.26 24.87
CA GLY H 61 -20.59 44.22 25.59
C GLY H 61 -19.29 43.69 26.14
N TYR H 62 -18.89 42.55 25.64
CA TYR H 62 -17.59 42.04 25.98
C TYR H 62 -16.91 41.80 24.65
N SER H 63 -15.58 41.82 24.65
CA SER H 63 -14.81 41.42 23.49
C SER H 63 -13.55 40.76 23.98
N VAL H 64 -13.00 39.86 23.15
CA VAL H 64 -11.78 39.16 23.52
C VAL H 64 -10.92 38.89 22.28
N SER H 65 -9.61 38.81 22.49
CA SER H 65 -8.69 38.55 21.38
C SER H 65 -7.66 37.51 21.78
N ARG H 66 -7.32 36.65 20.83
CA ARG H 66 -6.45 35.53 21.11
C ARG H 66 -5.17 35.63 20.27
N GLU H 67 -4.30 36.56 20.60
CA GLU H 67 -3.10 36.72 19.79
C GLU H 67 -2.14 35.63 20.17
N LYS H 68 -2.08 35.33 21.45
CA LYS H 68 -1.22 34.26 21.91
C LYS H 68 -1.93 33.06 22.46
N LYS H 69 -1.33 31.91 22.24
CA LYS H 69 -1.90 30.69 22.74
C LYS H 69 -2.01 30.74 24.27
N GLU H 70 -1.16 31.53 24.93
CA GLU H 70 -1.18 31.56 26.40
C GLU H 70 -2.09 32.64 27.01
N SER H 71 -2.53 33.59 26.20
CA SER H 71 -3.19 34.79 26.72
C SER H 71 -4.55 34.99 26.06
N PHE H 72 -5.56 35.25 26.89
CA PHE H 72 -6.94 35.49 26.44
C PHE H 72 -7.57 36.58 27.31
N PRO H 73 -7.38 37.86 26.93
CA PRO H 73 -7.90 38.96 27.74
C PRO H 73 -9.31 39.48 27.35
N LEU H 74 -10.12 39.57 28.40
CA LEU H 74 -11.51 39.97 28.29
C LEU H 74 -11.59 41.44 28.58
N THR H 75 -12.19 42.16 27.63
CA THR H 75 -12.34 43.60 27.74
C THR H 75 -13.82 43.85 27.99
N VAL H 76 -14.12 44.54 29.09
CA VAL H 76 -15.50 44.82 29.44
C VAL H 76 -15.87 46.22 29.02
N THR H 77 -16.45 46.37 27.83
CA THR H 77 -16.91 47.69 27.40
C THR H 77 -18.00 48.04 28.40
N SER H 78 -18.31 49.32 28.54
CA SER H 78 -19.46 49.70 29.34
C SER H 78 -20.69 49.32 28.56
N ALA H 79 -20.87 48.05 28.27
CA ALA H 79 -21.94 47.63 27.39
C ALA H 79 -23.21 47.63 28.15
N GLN H 80 -23.22 46.85 29.23
CA GLN H 80 -24.38 46.71 30.10
C GLN H 80 -24.07 46.88 31.60
N LYS H 81 -25.10 47.13 32.42
CA LYS H 81 -24.99 46.98 33.90
C LYS H 81 -25.03 45.51 34.22
N ASN H 82 -24.55 44.72 33.28
CA ASN H 82 -23.91 43.47 33.61
C ASN H 82 -22.89 43.63 34.78
N PRO H 83 -21.94 44.60 34.66
CA PRO H 83 -20.51 44.52 34.94
C PRO H 83 -20.13 44.10 36.34
N THR H 84 -20.95 44.44 37.33
CA THR H 84 -20.51 44.38 38.72
C THR H 84 -20.31 42.96 39.29
N ALA H 85 -20.13 41.96 38.42
CA ALA H 85 -20.00 40.56 38.87
C ALA H 85 -18.58 39.92 38.91
N PHE H 86 -18.53 38.62 39.20
CA PHE H 86 -17.30 37.83 39.35
C PHE H 86 -16.95 37.11 38.06
N TYR H 87 -15.75 37.35 37.50
CA TYR H 87 -15.35 36.74 36.22
C TYR H 87 -14.34 35.59 36.33
N LEU H 88 -14.66 34.50 35.64
CA LEU H 88 -13.90 33.27 35.72
C LEU H 88 -13.30 32.85 34.39
N CYS H 89 -12.08 32.31 34.42
CA CYS H 89 -11.33 31.95 33.21
C CYS H 89 -10.77 30.52 33.22
N ALA H 90 -11.02 29.78 32.15
CA ALA H 90 -10.63 28.38 32.11
C ALA H 90 -10.04 27.97 30.76
N SER H 91 -9.30 26.86 30.77
CA SER H 91 -8.72 26.31 29.55
C SER H 91 -8.74 24.79 29.59
N SER H 92 -8.30 24.16 28.52
CA SER H 92 -8.38 22.71 28.38
C SER H 92 -7.75 22.39 27.06
N LEU H 93 -7.25 21.16 26.92
CA LEU H 93 -6.62 20.72 25.66
C LEU H 93 -7.37 19.61 24.97
N ARG H 94 -7.14 19.56 23.67
CA ARG H 94 -7.57 18.44 22.87
C ARG H 94 -6.36 17.65 22.34
N ASP H 95 -6.25 16.41 22.84
CA ASP H 95 -5.42 15.38 22.27
C ASP H 95 -6.38 14.26 21.89
N GLY H 96 -6.73 13.43 22.84
CA GLY H 96 -7.81 12.50 22.61
C GLY H 96 -9.10 13.26 22.77
N TYR H 97 -9.37 13.66 24.02
CA TYR H 97 -10.43 14.58 24.45
C TYR H 97 -10.15 15.98 23.86
N THR H 98 -10.90 17.08 24.13
CA THR H 98 -12.06 17.25 25.01
C THR H 98 -11.71 17.20 26.51
N GLY H 99 -10.53 17.75 26.86
CA GLY H 99 -10.05 17.72 28.23
C GLY H 99 -10.98 18.48 29.16
N GLU H 100 -11.08 18.02 30.41
CA GLU H 100 -11.85 18.72 31.42
C GLU H 100 -11.42 20.21 31.52
N LEU H 101 -12.30 21.09 32.05
CA LEU H 101 -11.94 22.49 32.24
C LEU H 101 -11.05 22.75 33.46
N PHE H 102 -10.08 23.65 33.32
CA PHE H 102 -9.18 24.02 34.42
C PHE H 102 -9.44 25.48 34.74
N PHE H 103 -9.50 25.83 36.02
CA PHE H 103 -10.02 27.15 36.37
C PHE H 103 -9.06 28.13 37.03
N GLY H 104 -9.04 29.36 36.53
CA GLY H 104 -8.36 30.45 37.22
C GLY H 104 -9.06 30.89 38.51
N GLU H 105 -8.36 31.61 39.39
CA GLU H 105 -8.98 32.06 40.65
C GLU H 105 -10.07 33.11 40.47
N GLY H 106 -10.10 33.76 39.31
CA GLY H 106 -11.17 34.67 39.01
C GLY H 106 -11.06 36.01 39.70
N SER H 107 -11.72 37.02 39.11
CA SER H 107 -11.64 38.40 39.60
C SER H 107 -13.01 39.08 39.82
N ARG H 108 -13.10 39.92 40.87
CA ARG H 108 -14.31 40.66 41.17
C ARG H 108 -14.30 42.05 40.56
N LEU H 109 -15.28 42.35 39.73
CA LEU H 109 -15.42 43.69 39.20
C LEU H 109 -16.41 44.47 40.05
N THR H 110 -16.25 45.79 40.10
CA THR H 110 -17.18 46.61 40.87
C THR H 110 -17.46 47.94 40.16
N VAL H 111 -18.50 48.64 40.62
CA VAL H 111 -18.82 49.96 40.08
C VAL H 111 -19.39 50.90 41.15
N GLN I 1 33.26 -21.42 -13.42
CA GLN I 1 32.86 -22.67 -14.06
C GLN I 1 33.99 -23.72 -14.06
N SER I 2 35.24 -23.29 -14.24
CA SER I 2 36.39 -24.21 -14.38
C SER I 2 37.61 -23.93 -13.48
N VAL I 3 38.14 -24.94 -12.78
CA VAL I 3 39.31 -24.75 -11.89
C VAL I 3 40.43 -25.76 -12.21
N THR I 4 41.68 -25.36 -11.94
CA THR I 4 42.86 -26.14 -12.34
C THR I 4 43.97 -26.04 -11.30
N GLN I 5 44.40 -27.18 -10.76
CA GLN I 5 45.52 -27.14 -9.81
C GLN I 5 46.82 -27.56 -10.51
N PRO I 6 47.84 -26.63 -10.57
CA PRO I 6 49.02 -26.88 -11.42
C PRO I 6 50.01 -27.89 -10.79
N ASP I 7 50.25 -27.80 -9.49
CA ASP I 7 51.11 -28.77 -8.79
C ASP I 7 50.38 -30.11 -8.58
N ILE I 8 51.00 -31.21 -8.97
CA ILE I 8 50.37 -32.52 -8.84
C ILE I 8 50.77 -33.21 -7.55
N HIS I 9 52.01 -32.98 -7.14
CA HIS I 9 52.54 -33.54 -5.90
C HIS I 9 53.58 -32.61 -5.32
N ILE I 10 53.28 -32.08 -4.14
CA ILE I 10 54.18 -31.18 -3.48
C ILE I 10 54.72 -31.86 -2.24
N THR I 11 56.04 -31.95 -2.16
CA THR I 11 56.74 -32.45 -0.96
C THR I 11 57.31 -31.25 -0.22
N VAL I 12 57.45 -31.36 1.09
CA VAL I 12 57.97 -30.26 1.87
C VAL I 12 58.28 -30.70 3.30
N SER I 13 59.07 -29.90 4.01
CA SER I 13 59.60 -30.27 5.31
C SER I 13 58.62 -29.94 6.40
N GLU I 14 58.69 -30.69 7.49
CA GLU I 14 57.88 -30.41 8.66
C GLU I 14 58.34 -29.13 9.34
N GLY I 15 57.43 -28.18 9.50
CA GLY I 15 57.75 -26.89 10.08
C GLY I 15 57.88 -25.79 9.04
N ALA I 16 58.06 -26.18 7.77
CA ALA I 16 58.21 -25.20 6.67
C ALA I 16 56.92 -24.42 6.40
N SER I 17 56.88 -23.74 5.27
CA SER I 17 55.67 -23.01 4.89
C SER I 17 55.00 -23.65 3.67
N LEU I 18 53.68 -23.59 3.63
CA LEU I 18 52.91 -24.23 2.55
C LEU I 18 52.17 -23.25 1.66
N GLU I 19 52.12 -23.58 0.37
CA GLU I 19 51.30 -22.85 -0.60
C GLU I 19 50.93 -23.76 -1.77
N LEU I 20 49.85 -24.51 -1.60
CA LEU I 20 49.27 -25.25 -2.70
C LEU I 20 48.57 -24.20 -3.55
N ARG I 21 48.88 -24.16 -4.84
CA ARG I 21 48.28 -23.15 -5.67
C ARG I 21 47.17 -23.70 -6.53
N CYS I 22 46.33 -22.77 -6.97
CA CYS I 22 45.10 -23.07 -7.68
C CYS I 22 44.64 -21.85 -8.46
N ASN I 23 44.28 -22.08 -9.72
CA ASN I 23 43.82 -21.02 -10.58
C ASN I 23 42.37 -21.30 -10.98
N TYR I 24 41.64 -20.27 -11.42
CA TYR I 24 40.22 -20.44 -11.79
C TYR I 24 39.94 -19.88 -13.17
N SER I 25 39.00 -20.52 -13.85
CA SER I 25 38.54 -20.07 -15.16
C SER I 25 38.08 -18.65 -14.92
N TYR I 26 38.30 -17.77 -15.89
CA TYR I 26 37.79 -16.42 -15.71
C TYR I 26 36.37 -16.54 -15.13
N GLY I 27 36.08 -15.66 -14.18
CA GLY I 27 34.77 -15.54 -13.59
C GLY I 27 34.80 -14.18 -12.92
N ALA I 28 33.67 -13.54 -12.79
CA ALA I 28 33.65 -12.35 -11.96
C ALA I 28 32.76 -12.71 -10.82
N THR I 29 33.27 -12.53 -9.60
CA THR I 29 32.51 -12.93 -8.42
C THR I 29 32.20 -14.45 -8.27
N PRO I 30 33.17 -15.35 -8.59
CA PRO I 30 32.88 -16.77 -8.41
C PRO I 30 32.99 -17.15 -6.92
N TYR I 31 32.43 -18.29 -6.52
CA TYR I 31 32.58 -18.77 -5.13
C TYR I 31 33.66 -19.85 -5.05
N LEU I 32 34.68 -19.67 -4.21
CA LEU I 32 35.79 -20.64 -4.22
C LEU I 32 35.97 -21.36 -2.91
N PHE I 33 36.33 -22.65 -2.98
CA PHE I 33 36.58 -23.46 -1.78
C PHE I 33 37.88 -24.25 -1.87
N TRP I 34 38.46 -24.52 -0.70
CA TRP I 34 39.57 -25.47 -0.57
C TRP I 34 39.19 -26.65 0.34
N TYR I 35 39.21 -27.86 -0.22
CA TYR I 35 38.93 -29.06 0.55
C TYR I 35 40.18 -29.91 0.74
N VAL I 36 40.22 -30.70 1.82
CA VAL I 36 41.32 -31.63 2.08
C VAL I 36 40.78 -32.99 2.46
N GLN I 37 41.43 -34.02 1.94
CA GLN I 37 40.98 -35.42 2.07
C GLN I 37 42.11 -36.37 2.48
N SER I 38 41.99 -36.98 3.65
CA SER I 38 42.90 -38.04 4.07
C SER I 38 42.47 -39.34 3.39
N PRO I 39 43.45 -40.11 2.87
CA PRO I 39 43.21 -41.30 2.03
C PRO I 39 42.11 -42.27 2.52
N GLY I 40 41.08 -42.46 1.70
CA GLY I 40 40.02 -43.41 2.00
C GLY I 40 38.72 -42.77 2.47
N GLN I 41 38.80 -41.50 2.82
CA GLN I 41 37.66 -40.81 3.43
C GLN I 41 37.13 -39.68 2.56
N GLY I 42 36.44 -38.73 3.20
CA GLY I 42 35.77 -37.65 2.48
C GLY I 42 36.51 -36.34 2.60
N LEU I 43 35.94 -35.28 2.02
CA LEU I 43 36.58 -33.97 2.03
C LEU I 43 36.03 -33.08 3.13
N GLN I 44 36.94 -32.41 3.83
CA GLN I 44 36.57 -31.37 4.77
C GLN I 44 36.70 -30.06 4.03
N LEU I 45 35.79 -29.14 4.32
CA LEU I 45 35.96 -27.79 3.82
C LEU I 45 37.01 -27.14 4.69
N LEU I 46 38.01 -26.56 4.04
CA LEU I 46 39.11 -25.90 4.71
C LEU I 46 38.76 -24.43 4.87
N LEU I 47 38.18 -23.87 3.81
CA LEU I 47 37.70 -22.49 3.83
C LEU I 47 37.04 -22.13 2.48
N LYS I 48 36.30 -21.02 2.49
CA LYS I 48 35.60 -20.54 1.30
C LYS I 48 35.77 -19.04 0.98
N TYR I 49 35.21 -18.62 -0.15
CA TYR I 49 35.22 -17.20 -0.50
C TYR I 49 34.18 -16.80 -1.57
N PHE I 50 33.08 -16.21 -1.10
CA PHE I 50 32.01 -15.68 -1.97
C PHE I 50 32.34 -14.30 -2.51
N SER I 51 32.66 -13.39 -1.59
CA SER I 51 32.81 -11.96 -1.90
C SER I 51 33.47 -11.17 -0.76
N GLY I 52 33.84 -9.94 -1.06
CA GLY I 52 34.28 -9.00 -0.04
C GLY I 52 35.73 -9.12 0.37
N ASP I 53 35.96 -9.75 1.52
CA ASP I 53 37.30 -9.79 2.10
C ASP I 53 38.26 -10.63 1.27
N THR I 54 39.46 -10.12 1.06
CA THR I 54 40.40 -10.71 0.11
C THR I 54 41.15 -11.94 0.63
N LEU I 55 41.25 -12.03 1.95
CA LEU I 55 42.02 -13.08 2.60
C LEU I 55 41.18 -13.73 3.71
N VAL I 56 41.00 -15.05 3.66
CA VAL I 56 40.20 -15.74 4.68
C VAL I 56 40.98 -16.84 5.40
N GLN I 57 40.53 -17.15 6.62
CA GLN I 57 41.14 -18.23 7.42
C GLN I 57 40.33 -19.54 7.40
N GLY I 58 40.98 -20.63 7.79
CA GLY I 58 40.33 -21.93 7.78
C GLY I 58 40.65 -22.70 9.04
N ILE I 59 40.46 -24.02 8.97
CA ILE I 59 40.72 -24.94 10.08
C ILE I 59 42.15 -25.49 10.05
N LYS I 60 42.69 -25.80 11.23
CA LYS I 60 44.11 -26.12 11.37
C LYS I 60 44.97 -25.04 10.74
N GLY I 61 44.77 -23.81 11.22
CA GLY I 61 45.58 -22.67 10.82
C GLY I 61 45.84 -22.55 9.34
N PHE I 62 44.80 -22.67 8.53
CA PHE I 62 44.98 -22.43 7.10
C PHE I 62 44.55 -21.03 6.68
N GLU I 63 44.85 -20.67 5.44
CA GLU I 63 44.68 -19.31 4.95
C GLU I 63 44.59 -19.38 3.43
N ALA I 64 43.91 -18.40 2.82
CA ALA I 64 43.85 -18.33 1.37
C ALA I 64 43.58 -16.90 0.92
N GLU I 65 44.14 -16.55 -0.23
CA GLU I 65 44.08 -15.17 -0.72
C GLU I 65 43.41 -15.16 -2.08
N PHE I 66 42.55 -14.17 -2.30
CA PHE I 66 41.86 -14.03 -3.57
C PHE I 66 42.34 -12.85 -4.38
N LYS I 67 43.28 -13.13 -5.27
CA LYS I 67 43.84 -12.13 -6.16
C LYS I 67 43.04 -12.06 -7.45
N ARG I 68 41.98 -11.29 -7.41
CA ARG I 68 41.13 -11.09 -8.58
C ARG I 68 41.92 -10.97 -9.86
N SER I 69 42.92 -10.12 -9.81
CA SER I 69 43.76 -9.81 -10.94
C SER I 69 44.48 -11.05 -11.42
N GLN I 70 44.92 -11.82 -10.44
CA GLN I 70 45.77 -13.01 -10.58
C GLN I 70 45.04 -14.25 -11.10
N SER I 71 43.72 -14.23 -11.01
CA SER I 71 42.96 -15.47 -11.12
C SER I 71 43.61 -16.61 -10.33
N SER I 72 43.79 -16.40 -9.03
CA SER I 72 44.42 -17.41 -8.18
C SER I 72 43.83 -17.37 -6.79
N PHE I 73 43.69 -18.55 -6.22
CA PHE I 73 43.14 -18.72 -4.88
C PHE I 73 44.01 -19.78 -4.24
N ASN I 74 45.13 -19.36 -3.67
CA ASN I 74 46.13 -20.31 -3.17
C ASN I 74 46.07 -20.51 -1.67
N LEU I 75 46.31 -21.75 -1.28
CA LEU I 75 46.14 -22.16 0.10
C LEU I 75 47.44 -21.95 0.81
N ARG I 76 47.38 -21.63 2.09
CA ARG I 76 48.60 -21.36 2.82
C ARG I 76 48.60 -21.81 4.26
N LYS I 77 49.80 -22.14 4.72
CA LYS I 77 50.08 -22.36 6.11
C LYS I 77 51.45 -21.82 6.38
N PRO I 78 51.66 -21.22 7.56
CA PRO I 78 52.99 -20.65 7.76
C PRO I 78 53.91 -21.73 8.28
N SER I 79 53.32 -22.61 9.09
CA SER I 79 54.05 -23.72 9.73
C SER I 79 53.29 -25.04 9.51
N VAL I 80 53.67 -25.76 8.45
CA VAL I 80 53.02 -27.01 8.09
C VAL I 80 53.12 -28.00 9.23
N HIS I 81 52.28 -29.03 9.20
CA HIS I 81 52.36 -30.08 10.21
C HIS I 81 52.28 -31.48 9.59
N TRP I 82 52.84 -32.46 10.29
CA TRP I 82 52.93 -33.81 9.75
C TRP I 82 51.56 -34.37 9.42
N SER I 83 50.59 -34.01 10.27
CA SER I 83 49.21 -34.43 10.12
C SER I 83 48.69 -34.14 8.72
N ASP I 84 49.10 -32.98 8.18
CA ASP I 84 48.53 -32.38 6.96
C ASP I 84 48.76 -33.10 5.68
N ALA I 85 49.43 -34.22 5.74
CA ALA I 85 49.64 -34.90 4.49
C ALA I 85 48.35 -35.58 4.05
N ALA I 86 47.74 -34.97 3.06
CA ALA I 86 46.61 -35.59 2.38
C ALA I 86 46.52 -34.99 0.99
N GLU I 87 45.49 -35.38 0.24
CA GLU I 87 45.25 -34.72 -1.02
C GLU I 87 44.36 -33.50 -0.77
N TYR I 88 44.75 -32.38 -1.39
CA TYR I 88 44.01 -31.13 -1.27
C TYR I 88 43.30 -30.82 -2.57
N PHE I 89 42.05 -30.39 -2.48
CA PHE I 89 41.28 -30.03 -3.67
C PHE I 89 40.74 -28.61 -3.66
N CYS I 90 40.81 -28.00 -4.84
CA CYS I 90 40.40 -26.61 -5.03
C CYS I 90 39.14 -26.70 -5.83
N ALA I 91 38.16 -25.89 -5.46
CA ALA I 91 36.89 -26.03 -6.12
C ALA I 91 36.21 -24.71 -6.27
N VAL I 92 35.50 -24.57 -7.38
CA VAL I 92 34.86 -23.32 -7.69
C VAL I 92 33.37 -23.52 -7.75
N GLY I 93 32.66 -22.55 -7.21
CA GLY I 93 31.22 -22.47 -7.30
C GLY I 93 30.83 -22.16 -8.71
N ALA I 94 30.11 -23.10 -9.28
CA ALA I 94 29.90 -23.14 -10.72
C ALA I 94 28.47 -22.79 -11.07
N SER I 95 28.17 -22.40 -12.31
CA SER I 95 28.52 -21.14 -12.94
C SER I 95 27.11 -20.64 -12.79
N GLY I 96 26.93 -19.38 -12.45
CA GLY I 96 25.62 -18.93 -12.11
C GLY I 96 24.57 -20.04 -11.87
N ASN I 97 24.27 -20.39 -10.64
CA ASN I 97 25.22 -20.94 -9.70
C ASN I 97 24.35 -21.89 -8.91
N THR I 98 24.93 -22.99 -8.50
CA THR I 98 24.38 -23.83 -7.48
C THR I 98 25.57 -23.85 -6.45
N GLY I 99 25.64 -24.72 -5.44
CA GLY I 99 25.04 -26.03 -5.40
C GLY I 99 26.23 -26.82 -5.88
N LYS I 100 26.16 -27.21 -7.14
CA LYS I 100 27.26 -27.91 -7.74
C LYS I 100 28.56 -27.11 -7.74
N LEU I 101 29.61 -27.85 -7.37
CA LEU I 101 30.96 -27.39 -7.23
C LEU I 101 31.75 -28.10 -8.29
N ILE I 102 32.76 -27.39 -8.81
CA ILE I 102 33.67 -27.99 -9.77
C ILE I 102 35.02 -28.12 -9.08
N PHE I 103 35.67 -29.27 -9.23
CA PHE I 103 36.90 -29.50 -8.53
C PHE I 103 38.08 -29.48 -9.47
N GLY I 104 39.20 -28.98 -8.96
CA GLY I 104 40.46 -29.10 -9.63
C GLY I 104 40.93 -30.49 -9.35
N GLN I 105 41.74 -31.02 -10.25
CA GLN I 105 42.20 -32.40 -10.17
C GLN I 105 42.99 -32.68 -8.90
N GLY I 106 43.28 -31.65 -8.14
CA GLY I 106 43.74 -31.87 -6.80
C GLY I 106 45.21 -32.18 -6.76
N THR I 107 45.89 -31.44 -5.89
CA THR I 107 47.31 -31.61 -5.64
C THR I 107 47.45 -32.28 -4.27
N THR I 108 48.17 -33.40 -4.28
CA THR I 108 48.44 -34.21 -3.09
C THR I 108 49.72 -33.73 -2.41
N LEU I 109 49.84 -33.94 -1.10
CA LEU I 109 50.98 -33.37 -0.40
C LEU I 109 51.48 -34.32 0.68
N GLN I 110 52.79 -34.64 0.65
CA GLN I 110 53.45 -35.44 1.68
C GLN I 110 54.50 -34.58 2.38
N VAL I 111 54.71 -34.84 3.67
CA VAL I 111 55.61 -34.02 4.47
C VAL I 111 56.65 -34.90 5.17
N LYS I 112 57.93 -34.50 5.14
CA LYS I 112 59.02 -35.25 5.79
C LYS I 112 59.72 -34.43 6.92
N PRO I 113 60.28 -35.14 7.93
CA PRO I 113 61.00 -34.57 9.10
C PRO I 113 62.08 -33.56 8.69
N GLY J 1 28.21 -36.36 9.41
CA GLY J 1 26.87 -35.87 9.12
C GLY J 1 26.12 -36.63 8.03
N ILE J 2 26.82 -36.93 6.94
CA ILE J 2 26.28 -37.82 5.92
C ILE J 2 26.82 -39.22 6.14
N THR J 3 25.96 -40.22 6.15
CA THR J 3 26.42 -41.58 6.28
C THR J 3 26.21 -42.40 4.99
N GLN J 4 27.33 -42.78 4.39
CA GLN J 4 27.31 -43.71 3.25
C GLN J 4 27.63 -45.10 3.76
N SER J 5 27.07 -46.10 3.11
CA SER J 5 27.55 -47.44 3.33
C SER J 5 26.99 -48.46 2.33
N PRO J 6 27.55 -49.66 2.37
CA PRO J 6 28.73 -49.86 3.21
C PRO J 6 30.00 -49.24 2.60
N LYS J 7 31.01 -49.00 3.43
CA LYS J 7 32.23 -48.33 2.94
C LYS J 7 32.88 -49.07 1.75
N TYR J 8 32.97 -50.40 1.83
CA TYR J 8 33.56 -51.16 0.76
C TYR J 8 32.56 -52.12 0.20
N LEU J 9 32.32 -52.03 -1.09
CA LEU J 9 31.34 -52.88 -1.71
C LEU J 9 31.87 -53.62 -2.91
N PHE J 10 32.70 -54.64 -2.74
CA PHE J 10 33.17 -55.45 -3.88
C PHE J 10 31.98 -56.16 -4.52
N ARG J 11 31.94 -56.18 -5.85
CA ARG J 11 30.78 -56.70 -6.57
C ARG J 11 31.09 -57.45 -7.85
N LYS J 12 30.24 -58.43 -8.18
CA LYS J 12 30.40 -59.21 -9.40
C LYS J 12 30.14 -58.31 -10.60
N GLU J 13 30.36 -58.83 -11.79
CA GLU J 13 30.13 -58.10 -13.02
C GLU J 13 28.68 -58.26 -13.40
N GLY J 14 28.15 -57.30 -14.16
CA GLY J 14 26.76 -57.34 -14.60
C GLY J 14 25.80 -57.37 -13.43
N GLN J 15 26.19 -56.73 -12.35
CA GLN J 15 25.42 -56.70 -11.11
C GLN J 15 25.12 -55.25 -10.86
N ASN J 16 23.91 -54.96 -10.41
CA ASN J 16 23.51 -53.59 -10.21
C ASN J 16 23.56 -53.20 -8.74
N VAL J 17 24.76 -52.95 -8.24
CA VAL J 17 24.93 -52.53 -6.87
C VAL J 17 24.30 -51.14 -6.72
N THR J 18 23.79 -50.84 -5.52
CA THR J 18 23.19 -49.53 -5.25
C THR J 18 23.74 -48.96 -3.94
N LEU J 19 24.30 -47.78 -4.03
CA LEU J 19 25.04 -47.21 -2.91
C LEU J 19 24.12 -46.32 -2.10
N SER J 20 24.05 -46.54 -0.81
CA SER J 20 23.08 -45.80 -0.02
C SER J 20 23.71 -44.55 0.61
N CYS J 21 22.92 -43.48 0.67
CA CYS J 21 23.35 -42.20 1.20
C CYS J 21 22.23 -41.58 2.02
N GLU J 22 22.48 -41.36 3.30
CA GLU J 22 21.51 -40.77 4.19
C GLU J 22 22.09 -39.53 4.84
N GLN J 23 21.24 -38.56 5.16
CA GLN J 23 21.69 -37.34 5.85
C GLN J 23 20.64 -36.74 6.80
N ASN J 24 21.07 -36.54 8.04
CA ASN J 24 20.28 -35.86 9.04
C ASN J 24 20.90 -34.50 9.35
N LEU J 25 21.09 -33.72 8.30
CA LEU J 25 21.55 -32.34 8.43
C LEU J 25 20.44 -31.43 7.92
N ASN J 26 19.39 -32.05 7.43
CA ASN J 26 18.28 -31.32 6.83
C ASN J 26 18.74 -30.40 5.71
N HIS J 27 19.47 -30.96 4.76
CA HIS J 27 19.91 -30.21 3.60
C HIS J 27 18.97 -30.43 2.45
N ASP J 28 18.89 -29.43 1.58
CA ASP J 28 17.94 -29.48 0.50
C ASP J 28 18.50 -30.20 -0.72
N ALA J 29 19.68 -29.81 -1.18
CA ALA J 29 20.26 -30.44 -2.36
C ALA J 29 21.24 -31.57 -2.01
N MET J 30 21.40 -32.53 -2.92
CA MET J 30 22.20 -33.71 -2.62
C MET J 30 22.92 -34.22 -3.86
N TYR J 31 24.20 -34.57 -3.70
CA TYR J 31 25.08 -34.84 -4.84
C TYR J 31 25.84 -36.15 -4.75
N TRP J 32 26.15 -36.69 -5.92
CA TRP J 32 27.11 -37.77 -6.03
C TRP J 32 28.27 -37.38 -6.94
N TYR J 33 29.47 -37.67 -6.49
CA TYR J 33 30.68 -37.44 -7.27
C TYR J 33 31.45 -38.75 -7.37
N ARG J 34 32.18 -39.00 -8.45
CA ARG J 34 33.14 -40.12 -8.43
C ARG J 34 34.55 -39.64 -8.58
N GLN J 35 35.37 -39.99 -7.61
CA GLN J 35 36.76 -39.62 -7.63
C GLN J 35 37.57 -40.73 -8.30
N ASP J 36 38.10 -40.44 -9.49
CA ASP J 36 39.05 -41.33 -10.14
C ASP J 36 40.40 -40.72 -9.88
N PRO J 37 41.36 -41.55 -9.41
CA PRO J 37 42.67 -41.05 -8.94
C PRO J 37 43.38 -40.14 -9.95
N GLY J 38 43.99 -39.08 -9.44
CA GLY J 38 44.72 -38.14 -10.27
C GLY J 38 43.83 -37.07 -10.85
N GLN J 39 42.58 -37.43 -11.11
CA GLN J 39 41.60 -36.44 -11.54
C GLN J 39 40.72 -36.01 -10.36
N GLY J 40 39.98 -34.91 -10.55
CA GLY J 40 39.18 -34.38 -9.47
C GLY J 40 38.01 -35.29 -9.20
N LEU J 41 37.02 -34.75 -8.50
CA LEU J 41 35.74 -35.42 -8.38
C LEU J 41 34.94 -35.00 -9.58
N ARG J 42 34.27 -35.95 -10.20
CA ARG J 42 33.46 -35.68 -11.36
C ARG J 42 32.01 -35.90 -10.97
N LEU J 43 31.14 -34.98 -11.36
CA LEU J 43 29.74 -35.00 -10.94
C LEU J 43 28.92 -36.09 -11.64
N ILE J 44 28.22 -36.93 -10.87
CA ILE J 44 27.42 -38.01 -11.46
C ILE J 44 25.93 -37.68 -11.63
N TYR J 45 25.29 -37.32 -10.53
CA TYR J 45 23.91 -36.88 -10.51
C TYR J 45 23.77 -36.01 -9.29
N TYR J 46 22.80 -35.12 -9.31
CA TYR J 46 22.47 -34.35 -8.12
C TYR J 46 20.99 -33.93 -8.12
N SER J 47 20.39 -33.84 -6.95
CA SER J 47 19.00 -33.47 -6.85
C SER J 47 18.85 -32.23 -5.96
N GLN J 48 18.22 -31.19 -6.51
CA GLN J 48 18.10 -29.89 -5.84
C GLN J 48 16.85 -29.79 -4.90
N ILE J 49 15.76 -30.46 -5.26
CA ILE J 49 14.57 -30.66 -4.43
C ILE J 49 14.03 -32.08 -4.54
N VAL J 50 13.26 -32.48 -3.52
CA VAL J 50 12.68 -33.81 -3.51
C VAL J 50 11.98 -34.16 -4.85
N ASN J 51 12.23 -35.38 -5.33
CA ASN J 51 11.59 -35.88 -6.55
C ASN J 51 12.05 -35.32 -7.87
N ASP J 52 12.98 -34.38 -7.84
CA ASP J 52 13.67 -33.99 -9.05
C ASP J 52 15.16 -34.31 -8.97
N PHE J 53 15.77 -34.49 -10.12
CA PHE J 53 17.17 -34.84 -10.16
C PHE J 53 17.69 -34.72 -11.62
N GLN J 54 18.91 -34.21 -11.76
CA GLN J 54 19.49 -33.90 -13.06
C GLN J 54 20.90 -34.42 -13.23
N LYS J 55 21.20 -34.81 -14.47
CA LYS J 55 22.48 -35.41 -14.85
C LYS J 55 23.68 -34.47 -14.63
N GLY J 56 24.79 -35.03 -14.13
CA GLY J 56 26.06 -34.34 -14.08
C GLY J 56 26.84 -34.77 -15.31
N ASP J 57 28.16 -34.66 -15.26
CA ASP J 57 29.00 -34.92 -16.41
C ASP J 57 29.05 -36.40 -16.82
N ILE J 58 29.50 -37.25 -15.90
CA ILE J 58 29.59 -38.68 -16.19
C ILE J 58 28.36 -39.47 -15.73
N ALA J 59 27.21 -39.26 -16.38
CA ALA J 59 25.97 -39.82 -15.85
C ALA J 59 25.55 -41.09 -16.59
N GLU J 60 26.35 -41.50 -17.56
CA GLU J 60 26.02 -42.69 -18.34
C GLU J 60 26.13 -43.94 -17.49
N GLY J 61 25.01 -44.61 -17.29
CA GLY J 61 24.99 -45.86 -16.58
C GLY J 61 24.80 -45.77 -15.09
N TYR J 62 24.40 -44.59 -14.66
CA TYR J 62 24.04 -44.41 -13.28
C TYR J 62 22.60 -43.90 -13.31
N SER J 63 21.86 -44.17 -12.23
CA SER J 63 20.55 -43.58 -12.06
C SER J 63 20.38 -43.28 -10.59
N VAL J 64 19.58 -42.26 -10.26
CA VAL J 64 19.33 -41.94 -8.86
C VAL J 64 17.88 -41.49 -8.67
N SER J 65 17.33 -41.69 -7.47
CA SER J 65 15.97 -41.29 -7.18
C SER J 65 15.90 -40.60 -5.83
N ARG J 66 15.06 -39.60 -5.74
CA ARG J 66 14.99 -38.78 -4.55
C ARG J 66 13.58 -38.83 -3.97
N GLU J 67 13.21 -39.94 -3.37
CA GLU J 67 11.86 -40.04 -2.84
C GLU J 67 11.81 -39.29 -1.54
N LYS J 68 12.90 -39.37 -0.79
CA LYS J 68 12.94 -38.68 0.50
C LYS J 68 13.97 -37.59 0.57
N LYS J 69 13.67 -36.56 1.30
CA LYS J 69 14.58 -35.46 1.38
C LYS J 69 15.86 -35.92 2.03
N GLU J 70 15.81 -37.01 2.82
CA GLU J 70 17.03 -37.46 3.49
C GLU J 70 17.87 -38.50 2.74
N SER J 71 17.29 -39.10 1.70
CA SER J 71 17.89 -40.26 1.06
C SER J 71 18.09 -40.02 -0.44
N PHE J 72 19.28 -40.34 -0.95
CA PHE J 72 19.62 -40.20 -2.36
C PHE J 72 20.48 -41.38 -2.77
N PRO J 73 19.87 -42.49 -3.23
CA PRO J 73 20.66 -43.67 -3.57
C PRO J 73 21.03 -43.84 -5.05
N LEU J 74 22.32 -44.05 -5.23
CA LEU J 74 22.98 -44.20 -6.52
C LEU J 74 23.03 -45.68 -6.94
N THR J 75 22.44 -45.95 -8.08
CA THR J 75 22.36 -47.30 -8.59
C THR J 75 23.32 -47.36 -9.75
N VAL J 76 24.29 -48.25 -9.67
CA VAL J 76 25.29 -48.39 -10.73
C VAL J 76 24.93 -49.53 -11.67
N THR J 77 24.28 -49.21 -12.79
CA THR J 77 23.96 -50.25 -13.77
C THR J 77 25.31 -50.70 -14.27
N SER J 78 25.37 -51.90 -14.84
CA SER J 78 26.59 -52.32 -15.49
C SER J 78 26.65 -51.54 -16.76
N ALA J 79 26.75 -50.23 -16.65
CA ALA J 79 26.67 -49.41 -17.83
C ALA J 79 27.99 -49.39 -18.49
N GLN J 80 29.01 -49.07 -17.71
CA GLN J 80 30.36 -48.92 -18.23
C GLN J 80 31.41 -49.57 -17.30
N LYS J 81 32.62 -49.88 -17.81
CA LYS J 81 33.80 -50.18 -16.97
C LYS J 81 34.33 -48.90 -16.40
N ASN J 82 33.41 -47.96 -16.24
CA ASN J 82 33.51 -46.99 -15.18
C ASN J 82 33.90 -47.65 -13.83
N PRO J 83 33.13 -48.67 -13.39
CA PRO J 83 32.59 -48.92 -12.06
C PRO J 83 33.61 -48.99 -10.96
N THR J 84 34.79 -49.50 -11.26
CA THR J 84 35.70 -49.91 -10.19
C THR J 84 36.25 -48.78 -9.29
N ALA J 85 35.57 -47.62 -9.24
CA ALA J 85 36.13 -46.44 -8.54
C ALA J 85 35.48 -46.09 -7.18
N PHE J 86 35.86 -44.92 -6.63
CA PHE J 86 35.50 -44.48 -5.28
C PHE J 86 34.42 -43.48 -5.43
N TYR J 87 33.26 -43.72 -4.80
CA TYR J 87 32.06 -42.85 -4.87
C TYR J 87 31.78 -41.97 -3.66
N LEU J 88 31.60 -40.69 -3.92
CA LEU J 88 31.43 -39.69 -2.88
C LEU J 88 30.03 -39.01 -2.89
N CYS J 89 29.52 -38.68 -1.69
CA CYS J 89 28.18 -38.13 -1.57
C CYS J 89 28.14 -36.90 -0.69
N ALA J 90 27.50 -35.84 -1.19
CA ALA J 90 27.44 -34.57 -0.48
C ALA J 90 26.07 -33.92 -0.50
N SER J 91 25.86 -33.00 0.43
CA SER J 91 24.63 -32.22 0.47
C SER J 91 24.93 -30.77 0.86
N SER J 92 23.90 -29.92 0.91
CA SER J 92 24.05 -28.50 1.18
C SER J 92 22.69 -27.89 1.20
N LEU J 93 22.53 -26.76 1.88
CA LEU J 93 21.22 -26.12 1.92
C LEU J 93 21.21 -24.77 1.27
N ARG J 94 20.02 -24.38 0.87
CA ARG J 94 19.75 -23.03 0.47
C ARG J 94 18.78 -22.33 1.44
N ASP J 95 19.33 -21.33 2.14
CA ASP J 95 18.56 -20.32 2.83
C ASP J 95 18.95 -19.00 2.17
N GLY J 96 20.06 -18.42 2.61
CA GLY J 96 20.62 -17.32 1.87
C GLY J 96 21.36 -17.89 0.68
N TYR J 97 22.48 -18.57 0.97
CA TYR J 97 23.27 -19.39 0.05
C TYR J 97 22.38 -20.54 -0.46
N THR J 98 22.82 -21.54 -1.24
CA THR J 98 24.16 -21.79 -1.83
C THR J 98 25.23 -22.25 -0.82
N GLY J 99 24.79 -22.99 0.19
CA GLY J 99 25.68 -23.46 1.25
C GLY J 99 26.81 -24.28 0.70
N GLU J 100 27.93 -24.28 1.41
CA GLU J 100 29.09 -25.10 1.04
C GLU J 100 28.72 -26.58 1.01
N LEU J 101 29.47 -27.41 0.29
CA LEU J 101 29.19 -28.86 0.24
C LEU J 101 29.67 -29.59 1.49
N PHE J 102 28.87 -30.57 1.93
CA PHE J 102 29.21 -31.38 3.10
C PHE J 102 29.39 -32.80 2.59
N PHE J 103 30.44 -33.49 3.04
CA PHE J 103 30.82 -34.77 2.41
C PHE J 103 30.64 -36.04 3.26
N GLY J 104 30.06 -37.07 2.66
CA GLY J 104 30.07 -38.39 3.29
C GLY J 104 31.46 -39.03 3.18
N GLU J 105 31.74 -40.05 3.98
CA GLU J 105 33.04 -40.77 3.92
C GLU J 105 33.33 -41.56 2.61
N GLY J 106 32.30 -41.83 1.81
CA GLY J 106 32.49 -42.44 0.52
C GLY J 106 32.69 -43.94 0.60
N SER J 107 32.44 -44.61 -0.52
CA SER J 107 32.57 -46.06 -0.64
C SER J 107 33.37 -46.52 -1.88
N ARG J 108 34.14 -47.61 -1.73
CA ARG J 108 34.93 -48.13 -2.82
C ARG J 108 34.19 -49.26 -3.49
N LEU J 109 34.01 -49.18 -4.79
CA LEU J 109 33.42 -50.27 -5.53
C LEU J 109 34.53 -51.12 -6.17
N THR J 110 34.27 -52.40 -6.41
CA THR J 110 35.28 -53.21 -7.05
C THR J 110 34.65 -54.20 -8.01
N VAL J 111 35.48 -54.84 -8.83
CA VAL J 111 35.00 -55.88 -9.74
C VAL J 111 36.06 -56.96 -9.99
#